data_6BOI
#
_entry.id   6BOI
#
_cell.length_a   61.060
_cell.length_b   94.060
_cell.length_c   75.400
_cell.angle_alpha   90.00
_cell.angle_beta   92.70
_cell.angle_gamma   90.00
#
_symmetry.space_group_name_H-M   'P 1 21 1'
#
loop_
_entity.id
_entity.type
_entity.pdbx_description
1 polymer 'Putative conserved lipoprotein LppS'
2 non-polymer (3S,5R)-5-[(2R,3R)-1,3-dihydroxybutan-2-yl]-3-({(3R)-1-[(1E)-ethanimidoyl]pyrrolidin-3-yl}sulfanyl)-L-proline
3 non-polymer DI(HYDROXYETHYL)ETHER
4 non-polymer GLYCEROL
5 non-polymer 'SULFATE ION'
6 water water
#
_entity_poly.entity_id   1
_entity_poly.type   'polypeptide(L)'
_entity_poly.pdbx_seq_one_letter_code
;DLLVPKLTASVTDGAVGVTVDAPVSVTAADGVLAAVTMVNDNGRPVAGRLSPDGLRWSTTEQLGYNRRYTLNATALGLGG
AATRQLTFQTSSPAHLTMPYVMPGDGEVVGVGEPVAIRFDENIADRGAAEKAIKITTNPPVEGAFYWLNNREVRWRPEHF
WKPGTAVDVAVNTYGVDLGEGMFGEDNVQTHFTIGDEVIATADDNTKILTVRVNGEVVKSMPTSMGKDSTPTANGIYIVG
SRYKHIIMDSSTYGVPVNSPNGYRTDVDWATQISYSGVFVHSAPWSVGAQGHTNTSHGCLNVSPSNAQWFYDHVKRGDIV
EVVNTVGGTLPGIDGLGDWNIPWDQWRAGNAK
;
_entity_poly.pdbx_strand_id   A,B
#
loop_
_chem_comp.id
_chem_comp.type
_chem_comp.name
_chem_comp.formula
GOL non-polymer GLYCEROL 'C3 H8 O3'
PEG non-polymer DI(HYDROXYETHYL)ETHER 'C4 H10 O3'
SO4 non-polymer 'SULFATE ION' 'O4 S -2'
#
# COMPACT_ATOMS: atom_id res chain seq x y z
N ASP A 1 -5.94 36.91 -16.89
CA ASP A 1 -7.11 36.95 -16.02
C ASP A 1 -7.46 35.57 -15.47
N LEU A 2 -8.27 34.80 -16.21
CA LEU A 2 -8.53 33.41 -15.89
C LEU A 2 -7.53 32.54 -16.64
N LEU A 3 -6.64 31.89 -15.89
CA LEU A 3 -5.55 31.12 -16.47
C LEU A 3 -6.00 29.73 -16.90
N VAL A 4 -5.36 29.21 -17.95
CA VAL A 4 -5.58 27.84 -18.36
C VAL A 4 -4.78 26.94 -17.40
N PRO A 5 -5.27 25.75 -17.11
CA PRO A 5 -4.52 24.83 -16.24
C PRO A 5 -3.19 24.42 -16.85
N LYS A 6 -2.22 24.10 -15.98
CA LYS A 6 -0.89 23.68 -16.37
C LYS A 6 -0.59 22.30 -15.82
N LEU A 7 0.03 21.46 -16.63
CA LEU A 7 0.35 20.08 -16.25
C LEU A 7 1.86 19.89 -16.16
N THR A 8 2.32 19.36 -15.02
CA THR A 8 3.74 19.09 -14.77
C THR A 8 3.87 17.64 -14.37
N ALA A 9 4.76 16.89 -15.02
CA ALA A 9 5.02 15.50 -14.66
C ALA A 9 6.44 15.35 -14.16
N SER A 10 6.67 14.24 -13.48
CA SER A 10 8.01 13.95 -13.00
C SER A 10 8.88 13.29 -14.07
N VAL A 11 8.33 13.05 -15.26
CA VAL A 11 9.09 12.64 -16.44
C VAL A 11 8.79 13.67 -17.52
N THR A 12 9.54 13.62 -18.64
CA THR A 12 9.19 14.45 -19.78
C THR A 12 8.99 13.60 -21.02
N ASP A 13 8.30 14.19 -21.99
CA ASP A 13 8.05 13.51 -23.25
C ASP A 13 9.37 13.23 -23.95
N GLY A 14 9.54 12.02 -24.45
CA GLY A 14 10.74 11.68 -25.17
C GLY A 14 11.88 11.19 -24.27
N ALA A 15 11.70 11.18 -22.96
CA ALA A 15 12.79 10.80 -22.07
C ALA A 15 13.14 9.32 -22.20
N VAL A 16 14.41 8.99 -21.98
CA VAL A 16 14.85 7.60 -21.98
C VAL A 16 15.68 7.35 -20.74
N GLY A 17 15.94 6.07 -20.47
CA GLY A 17 16.64 5.74 -19.24
C GLY A 17 15.90 6.13 -17.97
N VAL A 18 14.58 6.25 -18.00
CA VAL A 18 13.86 6.64 -16.79
C VAL A 18 13.95 5.50 -15.76
N THR A 19 14.46 5.80 -14.57
CA THR A 19 14.65 4.75 -13.58
C THR A 19 13.34 4.44 -12.87
N VAL A 20 13.15 3.16 -12.57
CA VAL A 20 11.91 2.68 -11.97
C VAL A 20 12.05 2.49 -10.46
N ASP A 21 13.03 3.15 -9.85
CA ASP A 21 13.15 3.13 -8.40
C ASP A 21 12.21 4.11 -7.72
N ALA A 22 11.41 4.84 -8.49
CA ALA A 22 10.51 5.85 -7.93
C ALA A 22 9.22 5.88 -8.75
N PRO A 23 8.11 6.24 -8.12
CA PRO A 23 6.86 6.41 -8.88
C PRO A 23 6.94 7.56 -9.88
N VAL A 24 5.98 7.56 -10.82
CA VAL A 24 5.76 8.68 -11.75
C VAL A 24 4.56 9.48 -11.30
N SER A 25 4.68 10.80 -11.33
CA SER A 25 3.57 11.62 -10.84
C SER A 25 3.30 12.80 -11.77
N VAL A 26 2.09 13.31 -11.64
CA VAL A 26 1.60 14.46 -12.39
C VAL A 26 0.98 15.46 -11.45
N THR A 27 1.20 16.73 -11.70
CA THR A 27 0.62 17.76 -10.85
C THR A 27 -0.07 18.80 -11.73
N ALA A 28 -1.21 19.29 -11.27
CA ALA A 28 -1.94 20.35 -11.94
C ALA A 28 -1.74 21.65 -11.17
N ALA A 29 -1.55 22.75 -11.89
CA ALA A 29 -1.68 24.09 -11.33
C ALA A 29 -2.81 24.82 -12.04
N ASP A 30 -3.46 25.76 -11.32
CA ASP A 30 -4.53 26.60 -11.90
C ASP A 30 -5.68 25.74 -12.42
N GLY A 31 -6.00 24.71 -11.66
CA GLY A 31 -6.95 23.71 -12.11
C GLY A 31 -6.67 22.43 -11.36
N VAL A 32 -7.44 21.42 -11.72
CA VAL A 32 -7.34 20.12 -11.08
C VAL A 32 -7.22 19.11 -12.20
N LEU A 33 -6.73 17.93 -11.86
CA LEU A 33 -6.60 16.83 -12.81
C LEU A 33 -7.96 16.17 -12.98
N ALA A 34 -8.45 16.11 -14.20
CA ALA A 34 -9.71 15.41 -14.42
C ALA A 34 -9.48 13.93 -14.67
N ALA A 35 -8.49 13.59 -15.49
CA ALA A 35 -8.15 12.20 -15.71
C ALA A 35 -6.67 12.09 -16.05
N VAL A 36 -6.10 10.97 -15.61
CA VAL A 36 -4.72 10.61 -15.89
C VAL A 36 -4.70 9.12 -16.12
N THR A 37 -4.17 8.70 -17.26
CA THR A 37 -3.93 7.29 -17.49
C THR A 37 -2.48 7.11 -17.92
N MET A 38 -1.92 5.97 -17.54
CA MET A 38 -0.61 5.56 -18.00
C MET A 38 -0.72 4.12 -18.45
N VAL A 39 -0.24 3.84 -19.66
CA VAL A 39 -0.32 2.50 -20.23
C VAL A 39 1.07 2.11 -20.67
N ASN A 40 1.35 0.80 -20.63
CA ASN A 40 2.59 0.34 -21.24
C ASN A 40 2.41 0.18 -22.75
N ASP A 41 3.52 -0.20 -23.39
CA ASP A 41 3.57 -0.33 -24.84
C ASP A 41 2.39 -1.14 -25.37
N ASN A 42 1.97 -2.17 -24.63
CA ASN A 42 0.87 -3.08 -24.98
C ASN A 42 -0.51 -2.55 -24.62
N GLY A 43 -0.64 -1.32 -24.14
CA GLY A 43 -1.95 -0.78 -23.79
C GLY A 43 -2.46 -1.18 -22.42
N ARG A 44 -1.69 -1.93 -21.67
CA ARG A 44 -2.08 -2.31 -20.31
C ARG A 44 -1.91 -1.12 -19.37
N PRO A 45 -2.94 -0.76 -18.62
CA PRO A 45 -2.84 0.41 -17.74
C PRO A 45 -2.01 0.10 -16.50
N VAL A 46 -1.41 1.15 -15.99
CA VAL A 46 -0.63 1.12 -14.76
C VAL A 46 -1.49 1.66 -13.63
N ALA A 47 -1.45 1.00 -12.48
CA ALA A 47 -2.23 1.47 -11.34
C ALA A 47 -1.71 2.81 -10.85
N GLY A 48 -2.62 3.70 -10.48
CA GLY A 48 -2.26 5.01 -9.96
C GLY A 48 -3.38 5.51 -9.08
N ARG A 49 -3.13 6.64 -8.40
CA ARG A 49 -4.10 7.24 -7.50
C ARG A 49 -4.02 8.75 -7.60
N LEU A 50 -5.19 9.39 -7.68
CA LEU A 50 -5.32 10.83 -7.67
C LEU A 50 -5.55 11.30 -6.24
N SER A 51 -4.84 12.34 -5.83
CA SER A 51 -5.05 12.85 -4.47
C SER A 51 -6.47 13.38 -4.32
N PRO A 52 -7.01 13.39 -3.10
CA PRO A 52 -8.39 13.86 -2.92
C PRO A 52 -8.62 15.28 -3.43
N ASP A 53 -7.64 16.18 -3.31
CA ASP A 53 -7.85 17.55 -3.79
C ASP A 53 -7.72 17.68 -5.29
N GLY A 54 -7.44 16.60 -6.00
CA GLY A 54 -7.34 16.65 -7.44
C GLY A 54 -6.05 17.22 -8.00
N LEU A 55 -5.07 17.55 -7.14
CA LEU A 55 -3.88 18.25 -7.61
C LEU A 55 -2.74 17.31 -8.05
N ARG A 56 -2.68 16.09 -7.53
CA ARG A 56 -1.50 15.25 -7.75
C ARG A 56 -1.91 13.80 -8.00
N TRP A 57 -1.43 13.23 -9.09
CA TRP A 57 -1.66 11.83 -9.40
C TRP A 57 -0.32 11.11 -9.35
N SER A 58 -0.34 9.85 -8.93
CA SER A 58 0.91 9.12 -8.87
C SER A 58 0.70 7.63 -9.18
N THR A 59 1.69 6.99 -9.82
CA THR A 59 1.66 5.54 -9.91
C THR A 59 1.75 4.95 -8.51
N THR A 60 1.19 3.75 -8.36
CA THR A 60 1.12 3.06 -7.08
C THR A 60 1.67 1.64 -7.15
N GLU A 61 2.12 1.19 -8.29
CA GLU A 61 2.70 -0.13 -8.37
C GLU A 61 4.04 -0.01 -9.05
N GLN A 62 4.77 -1.10 -9.01
CA GLN A 62 6.11 -1.12 -9.57
C GLN A 62 6.04 -0.84 -11.07
N LEU A 63 6.94 0.00 -11.55
CA LEU A 63 7.11 0.17 -12.99
C LEU A 63 8.17 -0.81 -13.52
N GLY A 64 7.96 -1.29 -14.73
CA GLY A 64 8.80 -2.35 -15.26
C GLY A 64 10.00 -1.82 -16.02
N TYR A 65 11.10 -2.58 -15.97
CA TYR A 65 12.24 -2.33 -16.82
C TYR A 65 11.85 -2.48 -18.28
N ASN A 66 12.55 -1.76 -19.15
CA ASN A 66 12.45 -2.02 -20.59
C ASN A 66 11.03 -1.78 -21.08
N ARG A 67 10.39 -0.73 -20.61
CA ARG A 67 9.02 -0.46 -21.03
C ARG A 67 8.95 0.92 -21.65
N ARG A 68 7.99 1.09 -22.55
CA ARG A 68 7.67 2.39 -23.12
C ARG A 68 6.28 2.73 -22.58
N TYR A 69 6.19 3.72 -21.71
CA TYR A 69 4.91 4.11 -21.10
C TYR A 69 4.38 5.38 -21.73
N THR A 70 3.07 5.45 -21.89
CA THR A 70 2.41 6.64 -22.41
C THR A 70 1.47 7.19 -21.35
N LEU A 71 1.67 8.45 -21.04
CA LEU A 71 0.94 9.13 -19.99
C LEU A 71 0.02 10.14 -20.66
N ASN A 72 -1.29 10.07 -20.36
CA ASN A 72 -2.28 11.02 -20.84
C ASN A 72 -2.91 11.67 -19.62
N ALA A 73 -3.00 13.00 -19.63
CA ALA A 73 -3.57 13.75 -18.53
C ALA A 73 -4.33 14.95 -19.05
N THR A 74 -5.46 15.24 -18.40
CA THR A 74 -6.30 16.39 -18.67
C THR A 74 -6.50 17.17 -17.38
N ALA A 75 -6.33 18.48 -17.42
CA ALA A 75 -6.61 19.31 -16.25
C ALA A 75 -7.67 20.33 -16.63
N LEU A 76 -8.57 20.64 -15.68
CA LEU A 76 -9.64 21.60 -15.87
C LEU A 76 -9.54 22.68 -14.81
N GLY A 77 -9.80 23.92 -15.21
CA GLY A 77 -9.97 24.94 -14.21
C GLY A 77 -10.96 25.93 -14.77
N LEU A 78 -11.20 26.99 -14.00
CA LEU A 78 -12.08 28.06 -14.44
C LEU A 78 -11.62 28.69 -15.74
N GLY A 79 -10.31 28.67 -15.99
CA GLY A 79 -9.79 29.21 -17.23
C GLY A 79 -9.94 28.33 -18.44
N GLY A 80 -10.37 27.08 -18.27
CA GLY A 80 -10.48 26.19 -19.41
C GLY A 80 -9.80 24.87 -19.12
N ALA A 81 -9.25 24.23 -20.14
CA ALA A 81 -8.82 22.86 -20.02
C ALA A 81 -7.45 22.72 -20.65
N ALA A 82 -6.69 21.72 -20.21
CA ALA A 82 -5.38 21.46 -20.78
C ALA A 82 -5.16 19.96 -20.82
N THR A 83 -4.64 19.47 -21.93
CA THR A 83 -4.35 18.05 -22.04
C THR A 83 -2.95 17.86 -22.53
N ARG A 84 -2.25 16.86 -22.02
CA ARG A 84 -0.92 16.52 -22.50
CA ARG A 84 -1.06 16.48 -22.77
C ARG A 84 -0.78 15.00 -22.63
N GLN A 85 0.13 14.58 -23.50
CA GLN A 85 0.47 13.20 -23.70
C GLN A 85 1.99 13.16 -23.72
N LEU A 86 2.55 12.24 -22.95
CA LEU A 86 3.98 12.02 -22.78
C LEU A 86 4.27 10.56 -22.98
N THR A 87 5.34 10.27 -23.69
CA THR A 87 5.88 8.91 -23.75
C THR A 87 7.32 8.93 -23.29
N PHE A 88 7.69 7.96 -22.45
CA PHE A 88 9.06 7.79 -22.00
C PHE A 88 9.41 6.31 -21.95
N GLN A 89 10.71 6.01 -21.97
CA GLN A 89 11.21 4.64 -21.82
C GLN A 89 11.99 4.47 -20.53
N THR A 90 11.75 3.36 -19.85
CA THR A 90 12.43 3.07 -18.59
C THR A 90 13.77 2.38 -18.86
N SER A 91 14.58 2.27 -17.81
CA SER A 91 15.89 1.65 -17.94
C SER A 91 15.79 0.30 -18.60
N SER A 92 16.77 -0.03 -19.42
CA SER A 92 16.86 -1.35 -20.03
C SER A 92 18.13 -2.04 -19.54
N PRO A 93 18.06 -2.80 -18.44
CA PRO A 93 19.28 -3.43 -17.90
C PRO A 93 19.93 -4.37 -18.89
N ALA A 94 21.26 -4.46 -18.83
CA ALA A 94 21.95 -5.58 -19.45
C ALA A 94 21.95 -6.81 -18.56
N HIS A 95 21.95 -6.60 -17.23
CA HIS A 95 21.94 -7.68 -16.26
C HIS A 95 21.04 -7.28 -15.10
N LEU A 96 20.53 -8.29 -14.39
CA LEU A 96 19.79 -8.12 -13.15
C LEU A 96 20.52 -8.83 -12.03
N THR A 97 20.59 -8.23 -10.85
CA THR A 97 21.15 -8.96 -9.72
C THR A 97 20.20 -8.93 -8.53
N MET A 98 20.13 -10.04 -7.84
CA MET A 98 19.22 -10.23 -6.74
C MET A 98 19.99 -10.21 -5.44
N PRO A 99 19.58 -9.35 -4.53
CA PRO A 99 20.20 -9.28 -3.21
C PRO A 99 19.62 -10.30 -2.24
N TYR A 100 20.46 -10.77 -1.32
CA TYR A 100 20.07 -11.69 -0.27
C TYR A 100 20.62 -11.16 1.03
N VAL A 101 19.75 -10.84 1.99
CA VAL A 101 20.18 -10.18 3.23
C VAL A 101 20.10 -11.14 4.41
N MET A 102 21.11 -11.09 5.28
CA MET A 102 21.18 -11.80 6.55
C MET A 102 21.46 -10.79 7.66
N PRO A 103 21.00 -11.05 8.89
CA PRO A 103 20.22 -12.20 9.39
C PRO A 103 18.75 -12.14 8.99
N GLY A 104 18.02 -13.20 9.28
CA GLY A 104 16.66 -13.30 8.79
C GLY A 104 15.70 -12.37 9.53
N ASP A 105 14.57 -12.11 8.85
CA ASP A 105 13.59 -11.17 9.36
C ASP A 105 12.97 -11.67 10.65
N GLY A 106 12.76 -10.75 11.59
CA GLY A 106 12.31 -11.14 12.90
C GLY A 106 13.31 -11.89 13.79
N GLU A 107 14.52 -12.22 13.32
CA GLU A 107 15.46 -12.97 14.16
C GLU A 107 15.95 -12.13 15.35
N VAL A 108 16.34 -12.83 16.43
CA VAL A 108 17.07 -12.21 17.52
C VAL A 108 18.48 -12.77 17.48
N VAL A 109 19.49 -11.90 17.40
CA VAL A 109 20.87 -12.29 17.19
C VAL A 109 21.79 -11.64 18.21
N GLY A 110 23.02 -12.14 18.27
CA GLY A 110 24.00 -11.65 19.20
C GLY A 110 24.59 -10.30 18.81
N VAL A 111 25.39 -9.77 19.74
CA VAL A 111 25.93 -8.42 19.61
C VAL A 111 27.02 -8.31 18.58
N GLY A 112 27.45 -9.41 17.98
CA GLY A 112 28.46 -9.37 16.95
C GLY A 112 27.94 -9.51 15.53
N GLU A 113 26.62 -9.56 15.35
CA GLU A 113 26.01 -9.86 14.06
C GLU A 113 26.07 -8.66 13.12
N PRO A 114 26.83 -8.75 12.02
CA PRO A 114 26.78 -7.72 10.99
C PRO A 114 25.53 -7.84 10.13
N VAL A 115 25.10 -6.72 9.55
CA VAL A 115 24.17 -6.79 8.43
C VAL A 115 24.91 -7.32 7.21
N ALA A 116 24.31 -8.25 6.49
CA ALA A 116 24.96 -8.84 5.32
C ALA A 116 24.03 -8.75 4.13
N ILE A 117 24.54 -8.20 3.02
CA ILE A 117 23.81 -8.17 1.75
C ILE A 117 24.72 -8.79 0.71
N ARG A 118 24.30 -9.93 0.19
CA ARG A 118 25.04 -10.67 -0.83
C ARG A 118 24.25 -10.66 -2.12
N PHE A 119 24.85 -10.15 -3.19
CA PHE A 119 24.22 -10.20 -4.50
C PHE A 119 24.62 -11.50 -5.19
N ASP A 120 23.82 -11.89 -6.16
CA ASP A 120 24.15 -13.08 -6.90
C ASP A 120 25.00 -12.79 -8.14
N GLU A 121 25.49 -11.55 -8.28
CA GLU A 121 26.34 -11.15 -9.40
C GLU A 121 27.35 -10.13 -8.87
N ASN A 122 28.50 -10.06 -9.53
CA ASN A 122 29.54 -9.11 -9.13
C ASN A 122 29.05 -7.67 -9.30
N ILE A 123 29.36 -6.81 -8.32
CA ILE A 123 28.85 -5.45 -8.32
C ILE A 123 29.94 -4.51 -8.83
N ALA A 124 29.72 -3.96 -10.02
CA ALA A 124 30.73 -3.08 -10.60
C ALA A 124 30.82 -1.75 -9.86
N ASP A 125 29.69 -1.21 -9.41
CA ASP A 125 29.63 0.09 -8.74
C ASP A 125 29.24 -0.10 -7.28
N ARG A 126 30.24 -0.40 -6.44
CA ARG A 126 29.94 -0.66 -5.03
C ARG A 126 29.29 0.54 -4.38
N GLY A 127 29.68 1.75 -4.78
CA GLY A 127 29.12 2.95 -4.19
C GLY A 127 27.61 3.06 -4.41
N ALA A 128 27.14 2.65 -5.60
CA ALA A 128 25.71 2.69 -5.85
C ALA A 128 24.99 1.72 -4.95
N ALA A 129 25.60 0.54 -4.72
CA ALA A 129 24.96 -0.44 -3.86
C ALA A 129 24.89 0.07 -2.42
N GLU A 130 25.99 0.60 -1.90
CA GLU A 130 25.98 1.13 -0.54
C GLU A 130 24.93 2.24 -0.39
N LYS A 131 24.87 3.16 -1.35
CA LYS A 131 23.89 4.23 -1.33
C LYS A 131 22.45 3.73 -1.34
N ALA A 132 22.17 2.58 -1.97
CA ALA A 132 20.81 2.07 -2.07
C ALA A 132 20.36 1.30 -0.85
N ILE A 133 21.25 1.09 0.13
CA ILE A 133 20.97 0.28 1.31
C ILE A 133 20.75 1.21 2.48
N LYS A 134 19.55 1.20 3.05
CA LYS A 134 19.19 2.12 4.12
C LYS A 134 19.08 1.33 5.41
N ILE A 135 19.95 1.62 6.37
CA ILE A 135 19.95 0.94 7.67
C ILE A 135 19.47 1.90 8.74
N THR A 136 18.47 1.48 9.50
CA THR A 136 17.93 2.25 10.62
C THR A 136 18.27 1.49 11.90
N THR A 137 18.72 2.22 12.92
CA THR A 137 19.05 1.60 14.19
C THR A 137 18.43 2.36 15.36
N ASN A 138 18.02 1.62 16.38
CA ASN A 138 17.40 2.23 17.55
C ASN A 138 17.73 1.41 18.79
N PRO A 139 18.55 1.94 19.71
CA PRO A 139 19.04 3.33 19.62
C PRO A 139 19.97 3.56 18.43
N PRO A 140 19.93 4.75 17.83
CA PRO A 140 20.78 5.01 16.67
C PRO A 140 22.25 4.86 17.04
N VAL A 141 22.98 4.17 16.16
CA VAL A 141 24.43 4.09 16.29
C VAL A 141 25.02 4.18 14.88
N GLU A 142 26.16 4.83 14.78
CA GLU A 142 26.86 4.91 13.51
C GLU A 142 27.47 3.57 13.12
N GLY A 143 27.46 3.28 11.82
CA GLY A 143 28.06 2.08 11.26
C GLY A 143 28.61 2.36 9.88
N ALA A 144 29.06 1.34 9.14
CA ALA A 144 29.70 1.59 7.85
C ALA A 144 29.76 0.30 7.06
N PHE A 145 29.87 0.44 5.73
CA PHE A 145 29.94 -0.70 4.84
C PHE A 145 31.39 -1.13 4.59
N TYR A 146 31.56 -2.42 4.35
CA TYR A 146 32.84 -2.95 3.92
C TYR A 146 32.55 -4.21 3.13
N TRP A 147 33.24 -4.39 2.00
CA TRP A 147 32.98 -5.53 1.11
C TRP A 147 33.90 -6.69 1.44
N LEU A 148 33.30 -7.88 1.65
CA LEU A 148 34.05 -9.11 1.88
C LEU A 148 34.59 -9.73 0.61
N ASN A 149 33.90 -9.54 -0.51
CA ASN A 149 34.30 -10.05 -1.81
C ASN A 149 33.52 -9.24 -2.84
N ASN A 150 33.56 -9.66 -4.09
CA ASN A 150 32.91 -8.84 -5.10
C ASN A 150 31.39 -8.84 -4.98
N ARG A 151 30.81 -9.71 -4.14
CA ARG A 151 29.37 -9.88 -4.12
C ARG A 151 28.71 -9.59 -2.79
N GLU A 152 29.45 -9.57 -1.68
CA GLU A 152 28.84 -9.47 -0.37
C GLU A 152 29.41 -8.28 0.38
N VAL A 153 28.53 -7.37 0.82
CA VAL A 153 28.92 -6.22 1.60
C VAL A 153 28.39 -6.39 3.01
N ARG A 154 29.15 -5.90 3.98
CA ARG A 154 28.78 -6.00 5.38
C ARG A 154 28.68 -4.61 6.01
N TRP A 155 27.77 -4.47 6.97
CA TRP A 155 27.58 -3.21 7.70
C TRP A 155 27.55 -3.49 9.19
N ARG A 156 28.32 -2.73 9.97
CA ARG A 156 28.33 -2.91 11.41
C ARG A 156 28.79 -1.62 12.06
N PRO A 157 28.57 -1.47 13.36
CA PRO A 157 29.05 -0.31 14.12
C PRO A 157 30.52 -0.50 14.50
N GLU A 158 31.04 0.49 15.21
CA GLU A 158 32.44 0.45 15.63
C GLU A 158 32.65 -0.59 16.70
N HIS A 159 31.72 -0.67 17.67
CA HIS A 159 31.75 -1.65 18.75
C HIS A 159 30.51 -2.54 18.66
N PHE A 160 30.58 -3.67 19.39
CA PHE A 160 29.46 -4.61 19.45
C PHE A 160 28.16 -3.90 19.75
N TRP A 161 27.08 -4.42 19.20
CA TRP A 161 25.77 -3.81 19.38
C TRP A 161 25.40 -3.74 20.85
N LYS A 162 24.62 -2.72 21.21
CA LYS A 162 23.98 -2.70 22.52
C LYS A 162 22.82 -3.68 22.54
N PRO A 163 22.75 -4.59 23.50
CA PRO A 163 21.56 -5.44 23.59
C PRO A 163 20.32 -4.57 23.57
N GLY A 164 19.29 -5.06 22.90
CA GLY A 164 18.03 -4.38 22.82
C GLY A 164 17.85 -3.47 21.63
N THR A 165 18.86 -3.41 20.76
CA THR A 165 18.82 -2.49 19.61
C THR A 165 17.97 -3.10 18.49
N ALA A 166 17.06 -2.28 17.94
CA ALA A 166 16.38 -2.62 16.71
C ALA A 166 17.23 -2.25 15.50
N VAL A 167 17.27 -3.14 14.51
CA VAL A 167 18.02 -2.92 13.29
C VAL A 167 17.10 -3.21 12.10
N ASP A 168 17.02 -2.25 11.18
CA ASP A 168 16.12 -2.33 10.05
C ASP A 168 16.92 -2.15 8.76
N VAL A 169 16.79 -3.07 7.82
CA VAL A 169 17.61 -3.06 6.61
C VAL A 169 16.72 -2.96 5.38
N ALA A 170 16.77 -1.83 4.67
CA ALA A 170 16.01 -1.66 3.43
C ALA A 170 16.99 -1.65 2.24
N VAL A 171 17.02 -2.75 1.49
CA VAL A 171 17.86 -2.88 0.31
C VAL A 171 17.04 -2.44 -0.89
N ASN A 172 17.22 -1.20 -1.31
CA ASN A 172 16.30 -0.55 -2.24
C ASN A 172 16.96 -0.49 -3.61
N THR A 173 17.19 -1.67 -4.19
CA THR A 173 17.98 -1.80 -5.40
C THR A 173 17.16 -1.88 -6.66
N TYR A 174 15.86 -2.12 -6.55
CA TYR A 174 15.05 -2.12 -7.75
C TYR A 174 15.17 -0.77 -8.43
N GLY A 175 15.52 -0.78 -9.72
CA GLY A 175 15.64 0.43 -10.52
C GLY A 175 16.95 1.16 -10.40
N VAL A 176 17.87 0.63 -9.59
CA VAL A 176 19.16 1.24 -9.33
C VAL A 176 20.19 0.62 -10.26
N ASP A 177 20.93 1.46 -10.97
CA ASP A 177 22.06 0.98 -11.77
C ASP A 177 23.21 0.62 -10.83
N LEU A 178 23.55 -0.65 -10.74
CA LEU A 178 24.67 -1.05 -9.88
C LEU A 178 25.98 -1.14 -10.65
N GLY A 179 26.01 -0.63 -11.88
CA GLY A 179 27.23 -0.57 -12.64
C GLY A 179 27.19 -1.40 -13.90
N GLU A 180 27.69 -0.84 -14.99
CA GLU A 180 27.82 -1.57 -16.24
C GLU A 180 26.47 -2.12 -16.68
N GLY A 181 25.40 -1.39 -16.41
CA GLY A 181 24.08 -1.79 -16.85
C GLY A 181 23.48 -2.94 -16.08
N MET A 182 24.02 -3.24 -14.89
CA MET A 182 23.43 -4.20 -13.98
C MET A 182 22.52 -3.49 -12.99
N PHE A 183 21.24 -3.85 -12.96
CA PHE A 183 20.24 -3.25 -12.10
C PHE A 183 19.71 -4.26 -11.08
N GLY A 184 19.15 -3.75 -9.98
CA GLY A 184 18.60 -4.64 -8.96
C GLY A 184 17.34 -5.34 -9.45
N GLU A 185 17.29 -6.66 -9.32
CA GLU A 185 16.10 -7.41 -9.71
C GLU A 185 14.89 -7.06 -8.84
N ASP A 186 15.13 -6.78 -7.56
CA ASP A 186 14.06 -6.54 -6.62
C ASP A 186 14.63 -5.82 -5.42
N ASN A 187 13.74 -5.32 -4.57
CA ASN A 187 14.12 -4.87 -3.23
C ASN A 187 14.01 -6.01 -2.25
N VAL A 188 14.74 -5.91 -1.15
CA VAL A 188 14.50 -6.78 -0.01
C VAL A 188 14.57 -5.94 1.25
N GLN A 189 13.83 -6.39 2.27
CA GLN A 189 13.76 -5.73 3.56
C GLN A 189 13.85 -6.78 4.65
N THR A 190 14.63 -6.50 5.68
CA THR A 190 14.65 -7.36 6.85
C THR A 190 14.77 -6.50 8.09
N HIS A 191 14.30 -7.04 9.21
CA HIS A 191 14.38 -6.34 10.47
C HIS A 191 14.79 -7.37 11.52
N PHE A 192 15.73 -7.01 12.39
CA PHE A 192 16.13 -7.92 13.45
C PHE A 192 16.41 -7.13 14.72
N THR A 193 16.63 -7.87 15.82
CA THR A 193 16.85 -7.29 17.14
C THR A 193 18.09 -7.91 17.80
N ILE A 194 18.86 -7.08 18.52
CA ILE A 194 20.02 -7.58 19.26
C ILE A 194 19.56 -8.09 20.62
N GLY A 195 19.96 -9.32 20.97
CA GLY A 195 19.62 -9.94 22.24
C GLY A 195 20.72 -9.75 23.27
N ASP A 196 20.81 -10.69 24.23
CA ASP A 196 21.82 -10.56 25.27
C ASP A 196 23.23 -10.51 24.69
N GLU A 197 24.14 -9.89 25.45
CA GLU A 197 25.55 -9.92 25.13
C GLU A 197 26.17 -11.24 25.56
N VAL A 198 26.64 -12.04 24.61
CA VAL A 198 27.22 -13.35 24.91
C VAL A 198 28.61 -13.40 24.30
N ILE A 199 29.64 -13.50 25.14
CA ILE A 199 31.01 -13.49 24.69
C ILE A 199 31.72 -14.64 25.41
N ALA A 200 32.21 -15.60 24.63
CA ALA A 200 32.92 -16.76 25.15
C ALA A 200 34.39 -16.58 24.80
N THR A 201 35.25 -16.66 25.78
CA THR A 201 36.66 -16.40 25.58
C THR A 201 37.45 -17.69 25.76
N ALA A 202 38.19 -18.08 24.73
CA ALA A 202 39.08 -19.24 24.82
C ALA A 202 40.52 -18.75 24.97
N ASP A 203 41.14 -19.05 26.12
CA ASP A 203 42.48 -18.58 26.45
C ASP A 203 43.42 -19.77 26.37
N ASP A 204 44.28 -19.78 25.36
CA ASP A 204 45.19 -20.91 25.21
C ASP A 204 46.04 -21.11 26.46
N ASN A 205 46.34 -20.02 27.21
CA ASN A 205 47.17 -20.14 28.40
C ASN A 205 46.51 -21.00 29.47
N THR A 206 45.19 -20.99 29.52
CA THR A 206 44.44 -21.75 30.49
C THR A 206 43.75 -22.97 29.88
N LYS A 207 43.49 -22.94 28.57
CA LYS A 207 42.77 -24.01 27.88
C LYS A 207 41.32 -24.06 28.34
N ILE A 208 40.76 -22.90 28.71
CA ILE A 208 39.38 -22.80 29.17
C ILE A 208 38.62 -21.89 28.21
N LEU A 209 37.41 -22.31 27.86
CA LEU A 209 36.47 -21.51 27.09
C LEU A 209 35.40 -21.00 28.07
N THR A 210 35.50 -19.72 28.44
CA THR A 210 34.62 -19.09 29.43
C THR A 210 33.49 -18.34 28.76
N VAL A 211 32.24 -18.65 29.13
CA VAL A 211 31.08 -17.99 28.55
C VAL A 211 30.58 -16.92 29.50
N ARG A 212 30.49 -15.67 29.03
CA ARG A 212 29.96 -14.59 29.83
C ARG A 212 28.69 -14.04 29.18
N VAL A 213 27.62 -13.98 29.96
CA VAL A 213 26.34 -13.43 29.52
C VAL A 213 26.15 -12.11 30.24
N ASN A 214 26.07 -11.03 29.46
CA ASN A 214 26.00 -9.68 29.99
C ASN A 214 27.03 -9.49 31.11
N GLY A 215 28.26 -9.92 30.83
CA GLY A 215 29.36 -9.72 31.75
C GLY A 215 29.50 -10.76 32.85
N GLU A 216 28.53 -11.66 33.05
CA GLU A 216 28.58 -12.63 34.13
C GLU A 216 29.01 -13.99 33.60
N VAL A 217 29.96 -14.63 34.29
CA VAL A 217 30.43 -15.95 33.90
C VAL A 217 29.34 -16.97 34.20
N VAL A 218 28.90 -17.69 33.18
CA VAL A 218 27.88 -18.71 33.36
C VAL A 218 28.40 -20.10 33.06
N LYS A 219 29.56 -20.23 32.42
CA LYS A 219 30.08 -21.54 32.06
C LYS A 219 31.58 -21.46 31.80
N SER A 220 32.31 -22.46 32.30
CA SER A 220 33.76 -22.60 32.06
C SER A 220 34.04 -24.00 31.54
N MET A 221 34.39 -24.09 30.26
CA MET A 221 34.52 -25.36 29.56
C MET A 221 35.99 -25.67 29.30
N PRO A 222 36.57 -26.73 29.87
CA PRO A 222 37.88 -27.18 29.39
C PRO A 222 37.78 -27.39 27.89
N THR A 223 38.79 -26.93 27.17
CA THR A 223 38.76 -27.11 25.74
C THR A 223 40.12 -27.57 25.26
N SER A 224 40.13 -28.22 24.10
CA SER A 224 41.34 -28.55 23.37
C SER A 224 41.26 -27.85 22.02
N MET A 225 42.24 -27.00 21.73
CA MET A 225 42.23 -26.21 20.50
C MET A 225 43.20 -26.82 19.49
N GLY A 226 43.52 -26.06 18.43
CA GLY A 226 44.39 -26.57 17.39
C GLY A 226 45.80 -26.91 17.87
N LYS A 227 46.23 -28.14 17.61
CA LYS A 227 47.62 -28.51 17.83
C LYS A 227 48.54 -27.57 17.04
N ASP A 228 49.81 -27.55 17.44
CA ASP A 228 50.74 -26.55 16.94
C ASP A 228 50.75 -26.47 15.41
N SER A 229 50.67 -27.62 14.74
CA SER A 229 50.78 -27.61 13.28
C SER A 229 49.46 -27.28 12.60
N THR A 230 48.37 -27.13 13.35
CA THR A 230 47.08 -26.70 12.79
C THR A 230 46.40 -25.82 13.82
N PRO A 231 46.98 -24.66 14.11
CA PRO A 231 46.56 -23.90 15.30
C PRO A 231 45.23 -23.21 15.05
N THR A 232 44.58 -22.87 16.16
CA THR A 232 43.39 -22.02 16.12
C THR A 232 43.86 -20.57 16.05
N ALA A 233 43.43 -19.84 15.02
CA ALA A 233 43.79 -18.43 14.91
C ALA A 233 43.21 -17.65 16.08
N ASN A 234 44.02 -16.72 16.62
CA ASN A 234 43.51 -15.77 17.61
C ASN A 234 42.57 -14.76 16.97
N GLY A 235 41.78 -14.09 17.80
CA GLY A 235 40.95 -13.03 17.29
C GLY A 235 39.50 -13.24 17.62
N ILE A 236 38.65 -12.45 16.96
CA ILE A 236 37.23 -12.39 17.26
C ILE A 236 36.48 -13.20 16.21
N TYR A 237 35.62 -14.10 16.66
CA TYR A 237 34.78 -14.87 15.75
C TYR A 237 33.31 -14.60 16.03
N ILE A 238 32.52 -14.47 14.96
CA ILE A 238 31.06 -14.37 15.05
C ILE A 238 30.45 -15.76 14.95
N VAL A 239 29.56 -16.10 15.90
CA VAL A 239 28.83 -17.35 15.80
C VAL A 239 27.94 -17.36 14.56
N GLY A 240 28.00 -18.48 13.82
CA GLY A 240 27.19 -18.67 12.63
C GLY A 240 26.12 -19.71 12.92
N SER A 241 25.98 -20.69 12.04
CA SER A 241 24.99 -21.73 12.19
C SER A 241 25.37 -22.75 13.28
N ARG A 242 24.38 -23.51 13.77
CA ARG A 242 24.58 -24.57 14.76
C ARG A 242 23.96 -25.85 14.24
N TYR A 243 24.55 -27.00 14.61
CA TYR A 243 24.10 -28.29 14.09
C TYR A 243 24.03 -29.34 15.19
N LYS A 244 22.95 -30.11 15.22
CA LYS A 244 22.88 -31.24 16.15
C LYS A 244 23.94 -32.28 15.81
N HIS A 245 24.19 -32.49 14.53
CA HIS A 245 25.31 -33.29 14.05
C HIS A 245 25.59 -32.84 12.62
N ILE A 246 26.84 -33.00 12.20
CA ILE A 246 27.23 -32.57 10.88
C ILE A 246 28.48 -33.34 10.50
N ILE A 247 28.58 -33.72 9.23
CA ILE A 247 29.81 -34.29 8.71
C ILE A 247 30.76 -33.15 8.40
N MET A 248 31.87 -33.10 9.10
CA MET A 248 32.90 -32.12 8.79
C MET A 248 33.80 -32.69 7.73
N ASP A 249 33.85 -32.00 6.60
CA ASP A 249 34.60 -32.45 5.44
C ASP A 249 35.64 -31.38 5.16
N SER A 250 36.92 -31.72 5.37
CA SER A 250 38.01 -30.77 5.16
C SER A 250 38.00 -30.20 3.74
N SER A 251 37.61 -30.98 2.73
CA SER A 251 37.64 -30.43 1.37
C SER A 251 36.66 -29.27 1.22
N THR A 252 35.60 -29.22 2.03
CA THR A 252 34.77 -28.03 2.12
C THR A 252 35.59 -26.76 2.37
N TYR A 253 36.69 -26.83 3.13
CA TYR A 253 37.45 -25.66 3.53
C TYR A 253 38.80 -25.56 2.84
N GLY A 254 38.98 -26.29 1.75
CA GLY A 254 40.17 -26.15 0.94
C GLY A 254 41.21 -27.25 1.11
N VAL A 255 41.03 -28.14 2.07
CA VAL A 255 42.04 -29.14 2.39
C VAL A 255 41.54 -30.50 1.89
N PRO A 256 42.23 -31.12 0.93
CA PRO A 256 41.86 -32.47 0.52
C PRO A 256 41.79 -33.41 1.71
N VAL A 257 40.68 -34.13 1.82
CA VAL A 257 40.52 -35.14 2.87
C VAL A 257 41.74 -36.03 2.92
N ASN A 258 42.15 -36.54 1.78
CA ASN A 258 43.25 -37.49 1.68
C ASN A 258 44.60 -36.85 1.99
N SER A 259 44.66 -35.56 2.25
CA SER A 259 45.92 -34.91 2.55
C SER A 259 46.23 -35.04 4.03
N PRO A 260 47.43 -34.61 4.44
CA PRO A 260 47.85 -34.84 5.83
C PRO A 260 47.03 -34.07 6.85
N ASN A 261 46.55 -32.88 6.54
CA ASN A 261 45.65 -32.19 7.45
C ASN A 261 44.18 -32.38 7.09
N GLY A 262 43.88 -33.31 6.17
CA GLY A 262 42.51 -33.65 5.84
C GLY A 262 41.84 -34.51 6.91
N TYR A 263 40.52 -34.65 6.74
CA TYR A 263 39.65 -35.35 7.67
C TYR A 263 38.24 -35.33 7.10
N ARG A 264 37.47 -36.32 7.52
CA ARG A 264 36.05 -36.37 7.20
C ARG A 264 35.42 -37.17 8.34
N THR A 265 34.70 -36.49 9.23
CA THR A 265 34.20 -37.16 10.42
C THR A 265 32.87 -36.58 10.86
N ASP A 266 32.00 -37.46 11.31
CA ASP A 266 30.70 -37.10 11.80
C ASP A 266 30.83 -36.59 13.24
N VAL A 267 30.28 -35.40 13.50
CA VAL A 267 30.49 -34.68 14.73
C VAL A 267 29.16 -34.20 15.30
N ASP A 268 29.06 -34.18 16.62
CA ASP A 268 27.85 -33.76 17.31
C ASP A 268 27.98 -32.34 17.84
N TRP A 269 26.82 -31.69 17.98
CA TRP A 269 26.64 -30.42 18.69
C TRP A 269 27.68 -29.37 18.30
N ALA A 270 27.58 -28.97 17.02
CA ALA A 270 28.61 -28.18 16.36
C ALA A 270 28.08 -26.79 16.06
N THR A 271 28.83 -25.79 16.49
CA THR A 271 28.51 -24.39 16.24
C THR A 271 29.64 -23.81 15.40
N GLN A 272 29.31 -23.35 14.21
CA GLN A 272 30.33 -22.79 13.33
C GLN A 272 30.70 -21.40 13.80
N ILE A 273 31.99 -21.08 13.84
CA ILE A 273 32.43 -19.74 14.18
C ILE A 273 33.37 -19.13 13.13
N SER A 274 33.76 -19.87 12.08
CA SER A 274 34.45 -19.24 10.95
C SER A 274 34.14 -19.98 9.66
N TYR A 275 34.14 -19.25 8.54
CA TYR A 275 33.97 -19.89 7.25
C TYR A 275 35.15 -20.79 6.95
N SER A 276 36.31 -20.45 7.51
CA SER A 276 37.46 -21.32 7.33
C SER A 276 37.24 -22.67 7.97
N GLY A 277 36.19 -22.82 8.76
CA GLY A 277 35.80 -24.11 9.26
C GLY A 277 36.07 -24.36 10.75
N VAL A 278 36.32 -23.32 11.52
CA VAL A 278 36.38 -23.48 12.97
C VAL A 278 34.96 -23.64 13.51
N PHE A 279 34.80 -24.63 14.39
CA PHE A 279 33.57 -24.94 15.10
C PHE A 279 33.88 -25.19 16.57
N VAL A 280 32.93 -24.86 17.44
CA VAL A 280 32.85 -25.45 18.77
C VAL A 280 32.04 -26.73 18.63
N HIS A 281 32.60 -27.87 19.03
CA HIS A 281 31.82 -29.11 18.90
C HIS A 281 32.24 -30.14 19.95
N SER A 282 31.42 -31.20 20.02
CA SER A 282 31.68 -32.33 20.92
C SER A 282 32.84 -33.15 20.41
N ALA A 283 33.85 -33.32 21.28
CA ALA A 283 35.02 -34.14 21.00
C ALA A 283 35.16 -35.12 22.16
N PRO A 284 34.39 -36.21 22.15
CA PRO A 284 34.57 -37.24 23.18
C PRO A 284 35.98 -37.84 23.18
N TRP A 285 36.63 -37.96 22.02
CA TRP A 285 37.92 -38.62 21.91
C TRP A 285 39.06 -37.87 22.60
N SER A 286 38.88 -36.60 22.95
CA SER A 286 39.96 -35.80 23.55
C SER A 286 39.57 -35.19 24.89
N VAL A 287 38.50 -35.67 25.52
CA VAL A 287 38.11 -35.20 26.85
C VAL A 287 39.32 -35.12 27.76
N GLY A 288 40.17 -36.16 27.72
CA GLY A 288 41.35 -36.18 28.56
C GLY A 288 42.34 -35.06 28.27
N ALA A 289 42.43 -34.61 27.02
CA ALA A 289 43.36 -33.53 26.73
C ALA A 289 42.74 -32.15 26.90
N GLN A 290 41.42 -32.06 27.00
CA GLN A 290 40.75 -30.77 27.13
C GLN A 290 41.07 -30.12 28.48
N GLY A 291 41.38 -28.83 28.45
CA GLY A 291 41.92 -28.18 29.63
C GLY A 291 43.41 -28.39 29.85
N HIS A 292 44.13 -28.97 28.88
CA HIS A 292 45.52 -29.34 29.07
C HIS A 292 46.39 -29.16 27.82
N THR A 293 46.02 -29.83 26.72
CA THR A 293 46.83 -29.92 25.52
C THR A 293 45.99 -29.64 24.27
N ASN A 294 46.58 -28.97 23.27
CA ASN A 294 45.89 -28.75 22.00
C ASN A 294 46.06 -29.96 21.09
N THR A 295 44.93 -30.50 20.59
CA THR A 295 44.98 -31.70 19.76
C THR A 295 44.12 -31.62 18.50
N SER A 296 43.41 -30.52 18.26
CA SER A 296 42.46 -30.49 17.16
C SER A 296 43.11 -29.95 15.88
N HIS A 297 42.30 -29.90 14.81
CA HIS A 297 42.65 -29.26 13.54
C HIS A 297 42.35 -27.78 13.53
N GLY A 298 41.84 -27.24 14.61
CA GLY A 298 41.58 -25.82 14.64
C GLY A 298 40.35 -25.55 15.48
N CYS A 299 39.48 -26.56 15.59
CA CYS A 299 38.23 -26.42 16.34
C CYS A 299 38.49 -26.23 17.84
N LEU A 300 37.45 -25.71 18.51
CA LEU A 300 37.42 -25.66 19.96
C LEU A 300 36.71 -26.94 20.42
N ASN A 301 37.50 -27.96 20.75
CA ASN A 301 36.95 -29.23 21.22
C ASN A 301 36.55 -29.11 22.69
N VAL A 302 35.31 -29.54 23.01
CA VAL A 302 34.82 -29.52 24.38
C VAL A 302 34.06 -30.82 24.63
N SER A 303 33.64 -31.01 25.88
CA SER A 303 32.93 -32.21 26.23
C SER A 303 31.59 -32.26 25.48
N PRO A 304 31.06 -33.46 25.28
CA PRO A 304 29.71 -33.56 24.68
C PRO A 304 28.66 -32.71 25.40
N SER A 305 28.59 -32.79 26.73
CA SER A 305 27.57 -32.00 27.42
C SER A 305 27.85 -30.50 27.27
N ASN A 306 29.12 -30.09 27.25
CA ASN A 306 29.42 -28.66 27.10
C ASN A 306 29.13 -28.19 25.68
N ALA A 307 29.40 -29.04 24.68
CA ALA A 307 29.04 -28.69 23.31
C ALA A 307 27.54 -28.55 23.15
N GLN A 308 26.76 -29.47 23.74
CA GLN A 308 25.32 -29.32 23.70
C GLN A 308 24.89 -28.07 24.46
N TRP A 309 25.53 -27.80 25.61
CA TRP A 309 25.27 -26.55 26.32
C TRP A 309 25.45 -25.37 25.38
N PHE A 310 26.57 -25.40 24.65
CA PHE A 310 26.90 -24.28 23.77
C PHE A 310 25.86 -24.15 22.66
N TYR A 311 25.50 -25.28 22.04
CA TYR A 311 24.42 -25.29 21.04
C TYR A 311 23.14 -24.65 21.59
N ASP A 312 22.77 -24.98 22.83
CA ASP A 312 21.49 -24.56 23.39
C ASP A 312 21.49 -23.11 23.80
N HIS A 313 22.63 -22.59 24.25
CA HIS A 313 22.65 -21.30 24.87
C HIS A 313 23.30 -20.20 24.03
N VAL A 314 24.04 -20.52 22.97
CA VAL A 314 24.71 -19.50 22.17
C VAL A 314 24.02 -19.40 20.81
N LYS A 315 23.78 -18.17 20.33
CA LYS A 315 22.96 -17.92 19.14
C LYS A 315 23.77 -17.18 18.06
N ARG A 316 23.25 -17.25 16.84
CA ARG A 316 23.86 -16.54 15.72
C ARG A 316 24.15 -15.11 16.13
N GLY A 317 25.38 -14.67 15.92
CA GLY A 317 25.77 -13.32 16.24
C GLY A 317 26.44 -13.15 17.58
N ASP A 318 26.36 -14.15 18.46
CA ASP A 318 27.20 -14.11 19.66
C ASP A 318 28.68 -14.21 19.25
N ILE A 319 29.57 -13.99 20.22
CA ILE A 319 30.98 -13.78 19.94
C ILE A 319 31.83 -14.83 20.64
N VAL A 320 32.79 -15.39 19.91
CA VAL A 320 33.90 -16.14 20.50
C VAL A 320 35.19 -15.39 20.25
N GLU A 321 35.99 -15.21 21.30
CA GLU A 321 37.29 -14.56 21.19
C GLU A 321 38.38 -15.56 21.59
N VAL A 322 39.38 -15.70 20.75
CA VAL A 322 40.49 -16.61 21.00
C VAL A 322 41.73 -15.77 21.27
N VAL A 323 42.47 -16.10 22.33
CA VAL A 323 43.67 -15.35 22.68
C VAL A 323 44.79 -16.28 23.07
N ASN A 324 46.01 -15.84 22.76
CA ASN A 324 47.27 -16.44 23.21
C ASN A 324 47.57 -17.79 22.55
N THR A 325 46.90 -18.16 21.45
CA THR A 325 47.39 -19.36 20.78
C THR A 325 48.63 -19.02 19.96
N VAL A 326 49.28 -20.06 19.42
CA VAL A 326 50.39 -19.84 18.51
C VAL A 326 49.93 -19.54 17.09
N GLY A 327 48.62 -19.52 16.83
CA GLY A 327 48.13 -19.16 15.53
C GLY A 327 48.38 -17.69 15.21
N GLY A 328 48.03 -17.32 13.99
CA GLY A 328 48.00 -15.92 13.60
C GLY A 328 46.68 -15.35 14.04
N THR A 329 46.18 -14.36 13.29
CA THR A 329 44.90 -13.74 13.56
C THR A 329 43.91 -14.11 12.46
N LEU A 330 42.69 -14.46 12.87
CA LEU A 330 41.65 -14.79 11.91
C LEU A 330 41.51 -13.67 10.87
N PRO A 331 41.55 -13.99 9.58
CA PRO A 331 41.37 -12.97 8.52
C PRO A 331 40.06 -12.20 8.68
N GLY A 332 40.15 -10.86 8.56
CA GLY A 332 38.95 -10.06 8.69
C GLY A 332 37.90 -10.36 7.63
N ILE A 333 38.32 -10.87 6.47
CA ILE A 333 37.33 -11.18 5.46
C ILE A 333 37.03 -12.68 5.42
N ASP A 334 37.16 -13.35 6.57
CA ASP A 334 36.82 -14.77 6.64
C ASP A 334 35.38 -15.00 6.17
N GLY A 335 34.46 -14.18 6.63
CA GLY A 335 33.04 -14.45 6.49
C GLY A 335 32.39 -14.25 7.83
N LEU A 336 33.14 -14.61 8.89
CA LEU A 336 32.72 -14.42 10.29
C LEU A 336 33.80 -13.71 11.08
N GLY A 337 34.77 -13.10 10.41
CA GLY A 337 35.85 -12.46 11.12
C GLY A 337 35.84 -10.95 11.04
N ASP A 338 34.65 -10.38 10.73
CA ASP A 338 34.55 -8.95 10.43
C ASP A 338 35.15 -8.06 11.51
N TRP A 339 35.00 -8.48 12.78
CA TRP A 339 35.47 -7.65 13.88
C TRP A 339 36.98 -7.59 14.01
N ASN A 340 37.72 -8.44 13.28
CA ASN A 340 39.18 -8.32 13.34
C ASN A 340 39.72 -7.19 12.47
N ILE A 341 38.89 -6.51 11.70
CA ILE A 341 39.31 -5.36 10.90
C ILE A 341 39.19 -4.11 11.77
N PRO A 342 40.28 -3.33 11.93
CA PRO A 342 40.20 -2.14 12.80
C PRO A 342 39.17 -1.15 12.28
N TRP A 343 38.54 -0.44 13.22
CA TRP A 343 37.39 0.39 12.87
C TRP A 343 37.75 1.42 11.80
N ASP A 344 38.89 2.10 11.97
CA ASP A 344 39.28 3.11 10.99
C ASP A 344 39.36 2.51 9.58
N GLN A 345 39.86 1.29 9.46
CA GLN A 345 39.95 0.68 8.13
C GLN A 345 38.57 0.25 7.62
N TRP A 346 37.75 -0.34 8.50
CA TRP A 346 36.39 -0.71 8.15
C TRP A 346 35.56 0.49 7.73
N ARG A 347 35.63 1.57 8.51
CA ARG A 347 34.87 2.76 8.19
C ARG A 347 35.31 3.39 6.88
N ALA A 348 36.61 3.35 6.57
CA ALA A 348 37.00 3.89 5.28
C ALA A 348 36.46 3.05 4.13
N GLY A 349 36.16 1.77 4.40
CA GLY A 349 35.50 0.93 3.41
C GLY A 349 36.41 0.60 2.24
N ASN A 350 35.80 -0.01 1.23
CA ASN A 350 36.53 -0.43 0.03
C ASN A 350 35.63 -0.36 -1.20
N ALA A 351 34.78 0.66 -1.27
CA ALA A 351 33.88 0.80 -2.41
C ALA A 351 34.62 1.07 -3.71
N LYS A 352 35.91 1.37 -3.66
CA LYS A 352 36.69 1.48 -4.88
C LYS A 352 38.03 0.78 -4.67
N ASP B 1 17.75 2.61 37.73
CA ASP B 1 17.78 1.19 37.41
C ASP B 1 17.19 0.93 36.03
N LEU B 2 16.97 -0.34 35.68
CA LEU B 2 16.57 -0.72 34.34
C LEU B 2 15.11 -1.16 34.31
N LEU B 3 14.39 -0.65 33.32
CA LEU B 3 12.98 -0.95 33.11
C LEU B 3 12.79 -2.14 32.19
N VAL B 4 11.76 -2.93 32.47
CA VAL B 4 11.38 -4.04 31.61
C VAL B 4 10.57 -3.45 30.47
N PRO B 5 10.73 -3.94 29.25
CA PRO B 5 9.91 -3.43 28.14
C PRO B 5 8.45 -3.63 28.44
N LYS B 6 7.61 -2.76 27.87
CA LYS B 6 6.16 -2.81 28.00
C LYS B 6 5.54 -2.98 26.62
N LEU B 7 4.53 -3.84 26.53
CA LEU B 7 3.81 -4.13 25.30
C LEU B 7 2.42 -3.52 25.38
N THR B 8 2.04 -2.75 24.37
CA THR B 8 0.69 -2.21 24.31
C THR B 8 0.11 -2.54 22.95
N ALA B 9 -1.09 -3.13 22.94
CA ALA B 9 -1.76 -3.51 21.71
C ALA B 9 -3.00 -2.67 21.53
N SER B 10 -3.50 -2.57 20.30
CA SER B 10 -4.74 -1.82 20.09
C SER B 10 -5.98 -2.66 20.38
N VAL B 11 -5.81 -3.89 20.84
CA VAL B 11 -6.91 -4.78 21.17
C VAL B 11 -6.58 -5.37 22.53
N THR B 12 -7.60 -5.78 23.26
CA THR B 12 -7.34 -6.44 24.53
C THR B 12 -7.65 -7.93 24.42
N ASP B 13 -6.84 -8.72 25.10
CA ASP B 13 -7.10 -10.14 25.20
C ASP B 13 -8.53 -10.40 25.66
N GLY B 14 -9.22 -11.30 24.97
CA GLY B 14 -10.57 -11.64 25.34
C GLY B 14 -11.65 -10.82 24.67
N ALA B 15 -11.29 -9.81 23.88
CA ALA B 15 -12.31 -8.91 23.33
C ALA B 15 -13.12 -9.59 22.24
N VAL B 16 -14.36 -9.12 22.08
CA VAL B 16 -15.26 -9.55 21.03
C VAL B 16 -15.84 -8.31 20.36
N GLY B 17 -16.37 -8.51 19.15
CA GLY B 17 -16.89 -7.38 18.40
C GLY B 17 -15.84 -6.36 18.00
N VAL B 18 -14.58 -6.75 17.94
CA VAL B 18 -13.56 -5.85 17.41
C VAL B 18 -13.85 -5.48 15.96
N THR B 19 -13.90 -4.18 15.66
CA THR B 19 -14.28 -3.77 14.31
C THR B 19 -13.07 -3.81 13.38
N VAL B 20 -13.31 -4.19 12.12
CA VAL B 20 -12.24 -4.35 11.15
C VAL B 20 -12.14 -3.15 10.21
N ASP B 21 -12.62 -1.97 10.64
CA ASP B 21 -12.44 -0.71 9.92
C ASP B 21 -11.09 -0.05 10.18
N ALA B 22 -10.27 -0.63 11.05
CA ALA B 22 -8.98 -0.08 11.43
C ALA B 22 -7.96 -1.23 11.56
N PRO B 23 -6.69 -0.94 11.32
CA PRO B 23 -5.65 -1.92 11.60
C PRO B 23 -5.53 -2.27 13.09
N VAL B 24 -4.92 -3.42 13.33
CA VAL B 24 -4.51 -3.85 14.67
C VAL B 24 -3.02 -3.55 14.82
N SER B 25 -2.64 -2.91 15.92
CA SER B 25 -1.25 -2.51 16.12
C SER B 25 -0.75 -2.94 17.49
N VAL B 26 0.58 -2.91 17.64
CA VAL B 26 1.28 -3.25 18.88
C VAL B 26 2.45 -2.31 18.99
N THR B 27 2.64 -1.76 20.18
CA THR B 27 3.68 -0.79 20.45
C THR B 27 4.55 -1.28 21.60
N ALA B 28 5.85 -1.03 21.50
CA ALA B 28 6.79 -1.33 22.56
C ALA B 28 7.23 -0.03 23.24
N ALA B 29 7.52 -0.11 24.53
CA ALA B 29 8.10 0.99 25.27
C ALA B 29 9.24 0.44 26.11
N ASP B 30 10.25 1.28 26.37
CA ASP B 30 11.45 0.85 27.10
C ASP B 30 12.03 -0.40 26.47
N GLY B 31 12.05 -0.41 25.15
CA GLY B 31 12.45 -1.60 24.41
C GLY B 31 11.90 -1.49 23.01
N VAL B 32 12.09 -2.57 22.25
CA VAL B 32 11.69 -2.64 20.86
C VAL B 32 10.98 -3.98 20.66
N LEU B 33 10.23 -4.07 19.57
CA LEU B 33 9.51 -5.29 19.24
C LEU B 33 10.47 -6.28 18.57
N ALA B 34 10.64 -7.45 19.17
CA ALA B 34 11.52 -8.47 18.60
C ALA B 34 10.78 -9.49 17.73
N ALA B 35 9.48 -9.62 17.92
CA ALA B 35 8.67 -10.64 17.28
C ALA B 35 7.21 -10.23 17.42
N VAL B 36 6.49 -10.15 16.31
CA VAL B 36 5.05 -9.98 16.32
C VAL B 36 4.48 -10.92 15.26
N THR B 37 3.51 -11.74 15.65
CA THR B 37 2.76 -12.56 14.71
C THR B 37 1.28 -12.50 15.05
N MET B 38 0.46 -12.55 14.01
CA MET B 38 -0.98 -12.64 14.17
C MET B 38 -1.47 -13.69 13.18
N VAL B 39 -2.31 -14.60 13.66
CA VAL B 39 -2.82 -15.70 12.87
C VAL B 39 -4.31 -15.79 13.11
N ASN B 40 -5.04 -16.30 12.15
CA ASN B 40 -6.46 -16.47 12.39
C ASN B 40 -6.69 -17.85 13.01
N ASP B 41 -7.97 -18.20 13.13
CA ASP B 41 -8.34 -19.42 13.83
C ASP B 41 -7.58 -20.61 13.26
N ASN B 42 -7.36 -20.60 11.94
CA ASN B 42 -6.75 -21.69 11.20
C ASN B 42 -5.24 -21.83 11.39
N GLY B 43 -4.58 -20.80 11.93
CA GLY B 43 -3.13 -20.72 11.94
C GLY B 43 -2.55 -19.87 10.84
N ARG B 44 -3.37 -19.44 9.89
CA ARG B 44 -2.90 -18.67 8.74
C ARG B 44 -2.40 -17.29 9.18
N PRO B 45 -1.17 -16.91 8.83
CA PRO B 45 -0.62 -15.63 9.31
C PRO B 45 -1.28 -14.44 8.64
N VAL B 46 -1.29 -13.33 9.35
CA VAL B 46 -1.86 -12.07 8.90
C VAL B 46 -0.72 -11.15 8.51
N ALA B 47 -0.80 -10.56 7.32
CA ALA B 47 0.24 -9.65 6.88
C ALA B 47 0.36 -8.47 7.84
N GLY B 48 1.60 -8.08 8.12
CA GLY B 48 1.86 -6.96 9.01
C GLY B 48 3.24 -6.41 8.73
N ARG B 49 3.54 -5.24 9.30
CA ARG B 49 4.81 -4.57 9.08
C ARG B 49 5.28 -3.85 10.34
N LEU B 50 6.58 -3.94 10.59
CA LEU B 50 7.20 -3.33 11.74
C LEU B 50 7.88 -2.04 11.29
N SER B 51 7.67 -0.97 12.05
CA SER B 51 8.31 0.31 11.75
C SER B 51 9.84 0.18 11.85
N PRO B 52 10.57 1.02 11.11
CA PRO B 52 12.04 0.91 11.15
C PRO B 52 12.63 1.02 12.54
N ASP B 53 12.13 1.93 13.38
CA ASP B 53 12.73 2.07 14.70
C ASP B 53 12.39 0.93 15.64
N GLY B 54 11.60 -0.06 15.22
CA GLY B 54 11.31 -1.18 16.07
C GLY B 54 10.21 -0.95 17.09
N LEU B 55 9.56 0.20 17.07
CA LEU B 55 8.62 0.55 18.14
C LEU B 55 7.18 0.14 17.83
N ARG B 56 6.78 0.05 16.57
CA ARG B 56 5.37 -0.11 16.24
C ARG B 56 5.14 -1.10 15.12
N TRP B 57 4.28 -2.09 15.38
CA TRP B 57 3.85 -3.06 14.38
C TRP B 57 2.38 -2.86 14.08
N SER B 58 2.01 -3.05 12.82
CA SER B 58 0.64 -2.87 12.41
C SER B 58 0.30 -3.89 11.32
N THR B 59 -0.89 -4.49 11.40
CA THR B 59 -1.41 -5.25 10.26
C THR B 59 -1.49 -4.32 9.06
N THR B 60 -1.39 -4.91 7.86
CA THR B 60 -1.32 -4.16 6.61
C THR B 60 -2.38 -4.56 5.60
N GLU B 61 -3.22 -5.53 5.90
CA GLU B 61 -4.20 -6.02 4.96
C GLU B 61 -5.52 -6.04 5.69
N GLN B 62 -6.59 -6.20 4.90
CA GLN B 62 -7.92 -6.16 5.47
C GLN B 62 -8.11 -7.31 6.46
N LEU B 63 -8.68 -7.00 7.60
CA LEU B 63 -9.00 -8.07 8.55
C LEU B 63 -10.43 -8.54 8.29
N GLY B 64 -10.67 -9.81 8.57
CA GLY B 64 -11.91 -10.44 8.16
C GLY B 64 -12.97 -10.38 9.24
N TYR B 65 -14.22 -10.29 8.79
CA TYR B 65 -15.35 -10.50 9.67
C TYR B 65 -15.28 -11.90 10.27
N ASN B 66 -15.88 -12.05 11.45
CA ASN B 66 -16.12 -13.37 11.99
C ASN B 66 -14.83 -14.18 12.10
N ARG B 67 -13.77 -13.55 12.56
CA ARG B 67 -12.49 -14.22 12.74
C ARG B 67 -12.14 -14.20 14.23
N ARG B 68 -11.43 -15.24 14.65
CA ARG B 68 -10.77 -15.26 15.94
C ARG B 68 -9.27 -15.20 15.65
N TYR B 69 -8.64 -14.09 16.03
CA TYR B 69 -7.23 -13.85 15.77
C TYR B 69 -6.43 -13.97 17.07
N THR B 70 -5.23 -14.51 16.97
CA THR B 70 -4.32 -14.56 18.10
C THR B 70 -3.05 -13.79 17.80
N LEU B 71 -2.75 -12.82 18.66
CA LEU B 71 -1.58 -11.98 18.56
C LEU B 71 -0.54 -12.43 19.58
N ASN B 72 0.69 -12.63 19.12
CA ASN B 72 1.84 -12.92 19.98
C ASN B 72 2.90 -11.86 19.74
N ALA B 73 3.36 -11.20 20.81
CA ALA B 73 4.40 -10.19 20.67
C ALA B 73 5.44 -10.33 21.78
N THR B 74 6.69 -10.07 21.44
CA THR B 74 7.80 -10.07 22.38
C THR B 74 8.55 -8.76 22.23
N ALA B 75 8.76 -8.07 23.35
CA ALA B 75 9.60 -6.88 23.38
C ALA B 75 10.88 -7.18 24.16
N LEU B 76 12.02 -6.70 23.64
CA LEU B 76 13.32 -6.78 24.30
C LEU B 76 13.83 -5.36 24.58
N GLY B 77 14.36 -5.14 25.78
CA GLY B 77 15.09 -3.93 26.06
C GLY B 77 16.35 -4.27 26.85
N LEU B 78 17.17 -3.24 27.06
CA LEU B 78 18.35 -3.38 27.90
C LEU B 78 18.01 -4.09 29.19
N GLY B 79 16.87 -3.75 29.79
CA GLY B 79 16.47 -4.25 31.08
C GLY B 79 15.66 -5.53 31.06
N GLY B 80 15.47 -6.18 29.90
CA GLY B 80 14.88 -7.51 29.89
C GLY B 80 13.97 -7.82 28.71
N ALA B 81 12.97 -8.66 28.94
CA ALA B 81 12.08 -9.11 27.89
C ALA B 81 10.65 -9.15 28.39
N ALA B 82 9.69 -8.86 27.51
CA ALA B 82 8.29 -9.10 27.84
C ALA B 82 7.58 -9.76 26.67
N THR B 83 6.76 -10.77 26.97
CA THR B 83 5.95 -11.44 25.97
C THR B 83 4.49 -11.42 26.38
N ARG B 84 3.60 -11.25 25.40
CA ARG B 84 2.16 -11.28 25.63
C ARG B 84 1.51 -12.07 24.51
N GLN B 85 0.42 -12.76 24.84
CA GLN B 85 -0.46 -13.35 23.85
C GLN B 85 -1.88 -12.84 24.05
N LEU B 86 -2.53 -12.41 22.96
CA LEU B 86 -3.88 -11.87 22.96
C LEU B 86 -4.73 -12.59 21.93
N THR B 87 -5.95 -12.93 22.31
CA THR B 87 -6.90 -13.50 21.35
C THR B 87 -8.19 -12.70 21.38
N PHE B 88 -8.71 -12.36 20.20
CA PHE B 88 -9.93 -11.57 20.13
C PHE B 88 -10.73 -12.02 18.92
N GLN B 89 -12.03 -11.69 18.94
CA GLN B 89 -12.94 -12.00 17.85
C GLN B 89 -13.43 -10.71 17.22
N THR B 90 -13.45 -10.67 15.90
CA THR B 90 -13.92 -9.51 15.17
C THR B 90 -15.44 -9.54 15.03
N SER B 91 -16.00 -8.39 14.60
CA SER B 91 -17.43 -8.29 14.33
C SER B 91 -17.92 -9.47 13.50
N SER B 92 -19.10 -9.95 13.86
CA SER B 92 -19.83 -10.97 13.14
C SER B 92 -21.12 -10.36 12.56
N PRO B 93 -21.15 -9.94 11.30
CA PRO B 93 -22.34 -9.27 10.79
C PRO B 93 -23.52 -10.22 10.61
N ALA B 94 -24.72 -9.68 10.79
CA ALA B 94 -25.90 -10.43 10.36
C ALA B 94 -26.13 -10.26 8.86
N HIS B 95 -25.68 -9.14 8.28
CA HIS B 95 -25.81 -8.88 6.85
C HIS B 95 -24.64 -8.03 6.39
N LEU B 96 -24.32 -8.14 5.11
CA LEU B 96 -23.39 -7.22 4.47
C LEU B 96 -24.15 -6.41 3.42
N THR B 97 -23.83 -5.12 3.32
CA THR B 97 -24.36 -4.31 2.24
C THR B 97 -23.22 -3.71 1.44
N MET B 98 -23.34 -3.74 0.12
CA MET B 98 -22.32 -3.16 -0.73
C MET B 98 -22.80 -1.81 -1.23
N PRO B 99 -21.98 -0.77 -1.13
CA PRO B 99 -22.33 0.53 -1.70
C PRO B 99 -21.88 0.67 -3.14
N TYR B 100 -22.65 1.45 -3.91
CA TYR B 100 -22.32 1.75 -5.29
C TYR B 100 -22.36 3.26 -5.43
N VAL B 101 -21.30 3.83 -6.03
CA VAL B 101 -21.12 5.28 -6.09
C VAL B 101 -21.27 5.77 -7.51
N MET B 102 -21.94 6.92 -7.67
CA MET B 102 -22.02 7.67 -8.91
C MET B 102 -21.68 9.14 -8.61
N PRO B 103 -21.08 9.86 -9.57
CA PRO B 103 -20.70 9.44 -10.92
C PRO B 103 -19.48 8.53 -10.95
N GLY B 104 -19.13 8.08 -12.15
CA GLY B 104 -18.01 7.21 -12.33
C GLY B 104 -16.69 7.89 -12.03
N ASP B 105 -15.69 7.05 -11.74
CA ASP B 105 -14.38 7.53 -11.32
C ASP B 105 -13.62 8.12 -12.50
N GLY B 106 -13.06 9.32 -12.31
CA GLY B 106 -12.42 9.94 -13.46
C GLY B 106 -13.35 10.67 -14.41
N GLU B 107 -14.66 10.66 -14.17
CA GLU B 107 -15.57 11.33 -15.10
C GLU B 107 -15.56 12.85 -14.91
N VAL B 108 -15.90 13.55 -16.00
CA VAL B 108 -16.20 14.96 -15.95
C VAL B 108 -17.72 15.09 -16.11
N VAL B 109 -18.36 15.80 -15.17
CA VAL B 109 -19.81 15.90 -15.12
C VAL B 109 -20.21 17.37 -14.99
N GLY B 110 -21.53 17.64 -15.19
CA GLY B 110 -22.07 18.99 -15.12
C GLY B 110 -22.26 19.51 -13.71
N VAL B 111 -22.65 20.80 -13.63
CA VAL B 111 -22.68 21.53 -12.37
C VAL B 111 -23.82 21.09 -11.46
N GLY B 112 -24.70 20.20 -11.95
CA GLY B 112 -25.81 19.71 -11.15
C GLY B 112 -25.65 18.31 -10.62
N GLU B 113 -24.49 17.68 -10.83
CA GLU B 113 -24.32 16.27 -10.48
C GLU B 113 -24.13 16.10 -8.97
N PRO B 114 -25.04 15.42 -8.29
CA PRO B 114 -24.82 15.15 -6.88
C PRO B 114 -23.93 13.93 -6.71
N VAL B 115 -23.24 13.88 -5.57
CA VAL B 115 -22.64 12.61 -5.15
C VAL B 115 -23.76 11.64 -4.78
N ALA B 116 -23.73 10.43 -5.32
CA ALA B 116 -24.74 9.40 -5.03
C ALA B 116 -24.08 8.17 -4.44
N ILE B 117 -24.48 7.77 -3.23
CA ILE B 117 -24.08 6.47 -2.67
C ILE B 117 -25.35 5.64 -2.52
N ARG B 118 -25.45 4.57 -3.31
CA ARG B 118 -26.57 3.65 -3.25
C ARG B 118 -26.10 2.33 -2.64
N PHE B 119 -26.72 1.94 -1.52
CA PHE B 119 -26.47 0.63 -0.91
C PHE B 119 -27.44 -0.40 -1.48
N ASP B 120 -27.02 -1.67 -1.46
CA ASP B 120 -27.88 -2.73 -1.99
C ASP B 120 -28.77 -3.37 -0.91
N GLU B 121 -28.86 -2.74 0.26
N GLU B 121 -28.85 -2.75 0.28
CA GLU B 121 -29.78 -3.14 1.31
CA GLU B 121 -29.71 -3.19 1.38
C GLU B 121 -30.25 -1.90 2.03
C GLU B 121 -30.15 -1.96 2.16
N ASN B 122 -31.34 -2.03 2.77
CA ASN B 122 -31.85 -0.88 3.54
C ASN B 122 -30.92 -0.56 4.69
N ILE B 123 -30.69 0.72 4.92
CA ILE B 123 -29.72 1.18 5.90
C ILE B 123 -30.47 1.57 7.17
N ALA B 124 -30.29 0.79 8.24
CA ALA B 124 -31.06 1.07 9.45
C ALA B 124 -30.51 2.29 10.18
N ASP B 125 -29.20 2.51 10.13
CA ASP B 125 -28.54 3.59 10.85
C ASP B 125 -27.95 4.57 9.83
N ARG B 126 -28.78 5.49 9.31
CA ARG B 126 -28.31 6.38 8.25
C ARG B 126 -27.15 7.26 8.74
N GLY B 127 -27.22 7.70 10.00
CA GLY B 127 -26.14 8.53 10.50
C GLY B 127 -24.79 7.84 10.43
N ALA B 128 -24.76 6.54 10.71
CA ALA B 128 -23.49 5.81 10.64
C ALA B 128 -22.97 5.77 9.20
N ALA B 129 -23.87 5.66 8.23
CA ALA B 129 -23.46 5.66 6.83
C ALA B 129 -22.91 7.02 6.41
N GLU B 130 -23.63 8.10 6.75
CA GLU B 130 -23.12 9.45 6.45
C GLU B 130 -21.75 9.67 7.05
N LYS B 131 -21.60 9.34 8.34
CA LYS B 131 -20.34 9.53 9.04
C LYS B 131 -19.20 8.73 8.40
N ALA B 132 -19.49 7.61 7.72
CA ALA B 132 -18.46 6.82 7.06
C ALA B 132 -18.12 7.29 5.64
N ILE B 133 -18.77 8.34 5.15
CA ILE B 133 -18.55 8.85 3.79
C ILE B 133 -17.85 10.19 3.90
N LYS B 134 -16.63 10.24 3.34
CA LYS B 134 -15.75 11.39 3.43
C LYS B 134 -15.67 12.01 2.05
N ILE B 135 -16.21 13.22 1.92
CA ILE B 135 -16.27 13.94 0.67
C ILE B 135 -15.30 15.11 0.75
N THR B 136 -14.36 15.17 -0.18
CA THR B 136 -13.42 16.27 -0.28
C THR B 136 -13.78 17.05 -1.53
N THR B 137 -13.80 18.37 -1.42
CA THR B 137 -14.04 19.25 -2.56
C THR B 137 -12.93 20.28 -2.63
N ASN B 138 -12.57 20.64 -3.85
CA ASN B 138 -11.53 21.63 -4.06
C ASN B 138 -11.91 22.41 -5.32
N PRO B 139 -12.23 23.70 -5.23
CA PRO B 139 -12.25 24.51 -4.00
C PRO B 139 -13.27 24.00 -3.00
N PRO B 140 -12.98 24.04 -1.72
CA PRO B 140 -13.91 23.49 -0.73
C PRO B 140 -15.23 24.25 -0.77
N VAL B 141 -16.32 23.52 -0.59
CA VAL B 141 -17.65 24.11 -0.59
C VAL B 141 -18.47 23.31 0.41
N GLU B 142 -19.35 23.99 1.15
CA GLU B 142 -20.31 23.34 2.01
C GLU B 142 -21.30 22.50 1.21
N GLY B 143 -21.58 21.30 1.70
CA GLY B 143 -22.59 20.42 1.14
C GLY B 143 -23.18 19.61 2.27
N ALA B 144 -24.12 18.73 1.95
CA ALA B 144 -24.83 18.01 3.00
C ALA B 144 -25.48 16.79 2.38
N PHE B 145 -25.78 15.81 3.22
CA PHE B 145 -26.41 14.57 2.80
C PHE B 145 -27.93 14.62 2.89
N TYR B 146 -28.60 13.92 1.97
CA TYR B 146 -30.04 13.76 2.03
C TYR B 146 -30.41 12.45 1.36
N TRP B 147 -31.30 11.68 2.00
CA TRP B 147 -31.65 10.33 1.56
C TRP B 147 -32.83 10.37 0.61
N LEU B 148 -32.67 9.78 -0.58
CA LEU B 148 -33.80 9.71 -1.51
C LEU B 148 -34.78 8.62 -1.15
N ASN B 149 -34.31 7.57 -0.51
CA ASN B 149 -35.10 6.40 -0.14
C ASN B 149 -34.24 5.68 0.90
N ASN B 150 -34.63 4.47 1.28
CA ASN B 150 -33.92 3.75 2.34
C ASN B 150 -32.52 3.27 1.95
N ARG B 151 -32.17 3.31 0.66
CA ARG B 151 -30.92 2.75 0.18
C ARG B 151 -29.94 3.77 -0.40
N GLU B 152 -30.38 4.92 -0.85
CA GLU B 152 -29.51 5.81 -1.60
C GLU B 152 -29.49 7.17 -0.93
N VAL B 153 -28.29 7.63 -0.61
CA VAL B 153 -28.09 8.97 -0.07
C VAL B 153 -27.36 9.84 -1.11
N ARG B 154 -27.65 11.14 -1.09
CA ARG B 154 -27.06 12.12 -1.98
C ARG B 154 -26.34 13.19 -1.17
N TRP B 155 -25.28 13.75 -1.75
CA TRP B 155 -24.56 14.87 -1.16
C TRP B 155 -24.39 15.92 -2.25
N ARG B 156 -24.70 17.19 -1.95
CA ARG B 156 -24.54 18.28 -2.90
C ARG B 156 -24.35 19.58 -2.15
N PRO B 157 -23.84 20.61 -2.81
CA PRO B 157 -23.80 21.95 -2.23
C PRO B 157 -25.18 22.58 -2.31
N GLU B 158 -25.24 23.82 -1.78
CA GLU B 158 -26.45 24.63 -1.81
C GLU B 158 -26.80 25.06 -3.23
N HIS B 159 -25.80 25.47 -4.00
CA HIS B 159 -25.97 25.94 -5.37
C HIS B 159 -25.22 25.02 -6.31
N PHE B 160 -25.52 25.13 -7.61
CA PHE B 160 -24.82 24.29 -8.57
C PHE B 160 -23.32 24.37 -8.35
N TRP B 161 -22.61 23.30 -8.71
CA TRP B 161 -21.16 23.31 -8.53
C TRP B 161 -20.52 24.41 -9.38
N LYS B 162 -19.39 24.82 -8.94
CA LYS B 162 -18.60 25.75 -9.73
C LYS B 162 -17.72 24.96 -10.71
N PRO B 163 -17.68 25.35 -11.99
CA PRO B 163 -16.83 24.65 -12.96
C PRO B 163 -15.41 24.54 -12.44
N GLY B 164 -14.79 23.40 -12.71
CA GLY B 164 -13.42 23.18 -12.31
C GLY B 164 -13.27 22.56 -10.93
N THR B 165 -14.35 22.26 -10.23
CA THR B 165 -14.24 21.72 -8.89
C THR B 165 -13.89 20.23 -8.92
N ALA B 166 -12.92 19.86 -8.10
CA ALA B 166 -12.57 18.46 -7.91
C ALA B 166 -13.39 17.90 -6.76
N VAL B 167 -13.95 16.70 -6.96
CA VAL B 167 -14.80 16.06 -5.96
C VAL B 167 -14.26 14.67 -5.71
N ASP B 168 -14.01 14.34 -4.45
CA ASP B 168 -13.44 13.05 -4.04
C ASP B 168 -14.39 12.40 -3.04
N VAL B 169 -14.71 11.13 -3.24
CA VAL B 169 -15.72 10.45 -2.41
C VAL B 169 -15.10 9.17 -1.88
N ALA B 170 -14.93 9.08 -0.58
CA ALA B 170 -14.38 7.87 0.04
C ALA B 170 -15.47 7.25 0.90
N VAL B 171 -16.04 6.13 0.43
CA VAL B 171 -17.09 5.45 1.17
C VAL B 171 -16.40 4.39 2.03
N ASN B 172 -16.18 4.72 3.30
CA ASN B 172 -15.36 3.86 4.15
C ASN B 172 -16.23 3.00 5.06
N THR B 173 -16.98 2.13 4.41
CA THR B 173 -18.00 1.38 5.13
C THR B 173 -17.50 0.01 5.60
N TYR B 174 -16.33 -0.44 5.15
CA TYR B 174 -15.90 -1.77 5.57
C TYR B 174 -15.68 -1.78 7.07
N GLY B 175 -16.26 -2.77 7.75
CA GLY B 175 -16.17 -2.91 9.19
C GLY B 175 -17.05 -1.97 9.99
N VAL B 176 -17.87 -1.17 9.33
CA VAL B 176 -18.72 -0.20 9.99
C VAL B 176 -20.10 -0.83 10.17
N ASP B 177 -20.60 -0.77 11.40
CA ASP B 177 -21.94 -1.26 11.70
C ASP B 177 -22.92 -0.22 11.20
N LEU B 178 -23.67 -0.56 10.17
CA LEU B 178 -24.65 0.34 9.58
C LEU B 178 -26.04 0.08 10.15
N GLY B 179 -26.13 -0.67 11.22
CA GLY B 179 -27.36 -0.74 12.01
C GLY B 179 -27.97 -2.13 11.91
N GLU B 180 -28.53 -2.60 13.03
CA GLU B 180 -29.19 -3.92 13.06
C GLU B 180 -28.25 -5.03 12.60
N GLY B 181 -26.96 -4.88 12.86
CA GLY B 181 -26.00 -5.91 12.49
C GLY B 181 -25.65 -5.97 11.02
N MET B 182 -25.98 -4.95 10.23
CA MET B 182 -25.58 -4.90 8.84
C MET B 182 -24.27 -4.13 8.72
N PHE B 183 -23.28 -4.75 8.08
CA PHE B 183 -21.96 -4.14 7.99
C PHE B 183 -21.60 -3.96 6.53
N GLY B 184 -20.71 -3.00 6.28
CA GLY B 184 -20.24 -2.73 4.94
C GLY B 184 -19.53 -3.91 4.35
N GLU B 185 -19.89 -4.29 3.12
CA GLU B 185 -19.18 -5.39 2.48
C GLU B 185 -17.77 -4.97 2.08
N ASP B 186 -17.58 -3.71 1.69
CA ASP B 186 -16.28 -3.20 1.27
C ASP B 186 -16.31 -1.68 1.27
N ASN B 187 -15.13 -1.10 1.10
CA ASN B 187 -14.98 0.32 0.84
C ASN B 187 -15.05 0.57 -0.66
N VAL B 188 -15.49 1.78 -1.01
CA VAL B 188 -15.38 2.22 -2.40
C VAL B 188 -14.91 3.67 -2.42
N GLN B 189 -14.26 4.04 -3.50
CA GLN B 189 -13.60 5.32 -3.66
C GLN B 189 -13.85 5.79 -5.09
N THR B 190 -14.29 7.02 -5.27
CA THR B 190 -14.35 7.57 -6.62
C THR B 190 -14.02 9.06 -6.59
N HIS B 191 -13.67 9.58 -7.75
CA HIS B 191 -13.30 10.97 -7.91
C HIS B 191 -13.83 11.49 -9.25
N PHE B 192 -14.38 12.70 -9.27
CA PHE B 192 -14.90 13.29 -10.50
C PHE B 192 -14.61 14.78 -10.51
N THR B 193 -14.85 15.42 -11.64
CA THR B 193 -14.54 16.83 -11.82
C THR B 193 -15.75 17.50 -12.46
N ILE B 194 -16.03 18.76 -12.06
CA ILE B 194 -17.11 19.55 -12.63
C ILE B 194 -16.61 20.27 -13.88
N GLY B 195 -17.33 20.11 -14.98
CA GLY B 195 -17.01 20.79 -16.23
C GLY B 195 -17.75 22.10 -16.40
N ASP B 196 -17.95 22.48 -17.67
CA ASP B 196 -18.65 23.70 -18.01
C ASP B 196 -20.06 23.73 -17.43
N GLU B 197 -20.54 24.94 -17.18
CA GLU B 197 -21.92 25.16 -16.78
C GLU B 197 -22.82 25.05 -18.01
N VAL B 198 -23.74 24.09 -17.99
CA VAL B 198 -24.63 23.79 -19.11
C VAL B 198 -26.03 23.70 -18.54
N ILE B 199 -26.87 24.66 -18.90
CA ILE B 199 -28.23 24.77 -18.40
C ILE B 199 -29.13 24.99 -19.60
N ALA B 200 -30.05 24.05 -19.83
CA ALA B 200 -31.01 24.18 -20.91
C ALA B 200 -32.39 24.44 -20.31
N THR B 201 -33.03 25.51 -20.77
CA THR B 201 -34.34 25.92 -20.26
C THR B 201 -35.43 25.68 -21.30
N ALA B 202 -36.45 24.92 -20.90
CA ALA B 202 -37.66 24.78 -21.70
C ALA B 202 -38.75 25.63 -21.06
N ASP B 203 -39.21 26.63 -21.80
CA ASP B 203 -40.21 27.57 -21.35
C ASP B 203 -41.52 27.26 -22.06
N ASP B 204 -42.53 26.78 -21.32
CA ASP B 204 -43.78 26.40 -21.96
C ASP B 204 -44.40 27.57 -22.74
N ASN B 205 -44.02 28.81 -22.41
CA ASN B 205 -44.61 29.98 -23.06
C ASN B 205 -44.11 30.14 -24.49
N THR B 206 -42.89 29.72 -24.78
CA THR B 206 -42.37 29.80 -26.14
C THR B 206 -42.23 28.45 -26.82
N LYS B 207 -42.27 27.35 -26.06
CA LYS B 207 -42.04 26.00 -26.58
C LYS B 207 -40.66 25.89 -27.21
N ILE B 208 -39.70 26.59 -26.62
CA ILE B 208 -38.31 26.54 -27.05
C ILE B 208 -37.48 25.99 -25.89
N LEU B 209 -36.55 25.10 -26.23
CA LEU B 209 -35.55 24.63 -25.30
C LEU B 209 -34.23 25.32 -25.66
N THR B 210 -33.78 26.23 -24.80
CA THR B 210 -32.57 27.01 -24.99
C THR B 210 -31.40 26.43 -24.19
N VAL B 211 -30.32 26.08 -24.88
CA VAL B 211 -29.14 25.52 -24.25
C VAL B 211 -28.15 26.66 -24.00
N ARG B 212 -27.81 26.92 -22.74
CA ARG B 212 -26.80 27.91 -22.38
C ARG B 212 -25.55 27.23 -21.83
N VAL B 213 -24.40 27.58 -22.41
CA VAL B 213 -23.10 27.11 -21.97
C VAL B 213 -22.38 28.28 -21.34
N ASN B 214 -22.05 28.15 -20.06
CA ASN B 214 -21.49 29.23 -19.28
C ASN B 214 -22.15 30.56 -19.62
N GLY B 215 -23.48 30.55 -19.71
CA GLY B 215 -24.22 31.79 -19.82
C GLY B 215 -24.59 32.19 -21.25
N GLU B 216 -23.97 31.57 -22.25
CA GLU B 216 -24.21 31.94 -23.63
C GLU B 216 -25.18 30.97 -24.29
N VAL B 217 -26.14 31.52 -25.05
CA VAL B 217 -27.03 30.70 -25.86
C VAL B 217 -26.21 30.07 -26.98
N VAL B 218 -26.17 28.75 -27.04
CA VAL B 218 -25.52 28.05 -28.15
C VAL B 218 -26.50 27.26 -29.00
N LYS B 219 -27.72 27.02 -28.52
CA LYS B 219 -28.72 26.24 -29.23
C LYS B 219 -30.11 26.65 -28.82
N SER B 220 -31.01 26.77 -29.81
CA SER B 220 -32.42 27.00 -29.54
C SER B 220 -33.27 25.95 -30.24
N MET B 221 -33.90 25.07 -29.47
CA MET B 221 -34.58 23.92 -30.04
C MET B 221 -36.09 24.04 -29.92
N PRO B 222 -36.85 24.14 -31.02
CA PRO B 222 -38.31 24.02 -30.88
C PRO B 222 -38.62 22.69 -30.22
N THR B 223 -39.55 22.69 -29.26
CA THR B 223 -39.88 21.47 -28.54
C THR B 223 -41.38 21.25 -28.42
N SER B 224 -41.78 19.99 -28.25
CA SER B 224 -43.16 19.65 -27.91
C SER B 224 -43.14 18.90 -26.59
N MET B 225 -43.77 19.48 -25.58
CA MET B 225 -43.75 18.91 -24.23
C MET B 225 -45.04 18.16 -23.97
N GLY B 226 -45.24 17.77 -22.70
CA GLY B 226 -46.36 16.94 -22.34
C GLY B 226 -47.69 17.61 -22.63
N LYS B 227 -48.57 16.94 -23.38
CA LYS B 227 -49.92 17.43 -23.54
C LYS B 227 -50.55 17.64 -22.16
N ASP B 228 -51.63 18.40 -22.15
CA ASP B 228 -52.25 18.83 -20.91
C ASP B 228 -52.59 17.66 -19.97
N SER B 229 -53.00 16.52 -20.53
CA SER B 229 -53.38 15.41 -19.67
C SER B 229 -52.18 14.65 -19.11
N THR B 230 -50.99 14.81 -19.69
CA THR B 230 -49.77 14.14 -19.23
C THR B 230 -48.64 15.16 -19.28
N PRO B 231 -48.70 16.19 -18.45
CA PRO B 231 -47.82 17.34 -18.63
C PRO B 231 -46.41 17.08 -18.15
N THR B 232 -45.53 17.99 -18.56
CA THR B 232 -44.16 18.03 -18.07
C THR B 232 -44.13 18.85 -16.79
N ALA B 233 -43.61 18.26 -15.72
CA ALA B 233 -43.51 18.99 -14.48
C ALA B 233 -42.49 20.12 -14.62
N ASN B 234 -42.77 21.26 -14.02
CA ASN B 234 -41.77 22.32 -13.93
C ASN B 234 -40.64 21.93 -12.98
N GLY B 235 -39.52 22.61 -13.10
CA GLY B 235 -38.50 22.47 -12.09
C GLY B 235 -37.15 22.18 -12.69
N ILE B 236 -36.23 21.77 -11.81
CA ILE B 236 -34.82 21.53 -12.16
C ILE B 236 -34.65 20.04 -12.31
N TYR B 237 -34.10 19.61 -13.45
CA TYR B 237 -33.81 18.23 -13.71
C TYR B 237 -32.32 18.10 -13.91
N ILE B 238 -31.74 17.02 -13.37
CA ILE B 238 -30.36 16.65 -13.61
C ILE B 238 -30.29 15.68 -14.80
N VAL B 239 -29.42 15.97 -15.78
CA VAL B 239 -29.19 15.02 -16.87
C VAL B 239 -28.55 13.72 -16.37
N GLY B 240 -29.09 12.59 -16.81
CA GLY B 240 -28.54 11.29 -16.47
C GLY B 240 -27.92 10.63 -17.68
N SER B 241 -28.33 9.41 -17.99
CA SER B 241 -27.76 8.62 -19.07
C SER B 241 -28.27 9.09 -20.43
N ARG B 242 -27.57 8.71 -21.48
CA ARG B 242 -27.93 9.07 -22.85
CA ARG B 242 -27.94 9.07 -22.84
C ARG B 242 -27.93 7.81 -23.70
N TYR B 243 -28.79 7.78 -24.72
CA TYR B 243 -28.90 6.59 -25.53
C TYR B 243 -29.00 6.98 -27.00
N LYS B 244 -28.24 6.28 -27.84
CA LYS B 244 -28.38 6.47 -29.29
C LYS B 244 -29.76 6.00 -29.76
N HIS B 245 -30.28 4.95 -29.15
CA HIS B 245 -31.67 4.51 -29.31
C HIS B 245 -32.03 3.72 -28.08
N ILE B 246 -33.33 3.67 -27.76
CA ILE B 246 -33.82 2.96 -26.58
C ILE B 246 -35.31 2.72 -26.75
N ILE B 247 -35.76 1.53 -26.40
CA ILE B 247 -37.20 1.25 -26.37
C ILE B 247 -37.75 1.83 -25.08
N MET B 248 -38.63 2.81 -25.20
CA MET B 248 -39.29 3.35 -24.04
C MET B 248 -40.57 2.58 -23.79
N ASP B 249 -40.66 2.03 -22.59
CA ASP B 249 -41.73 1.12 -22.19
C ASP B 249 -42.39 1.72 -20.96
N SER B 250 -43.69 2.03 -21.06
CA SER B 250 -44.38 2.70 -19.96
C SER B 250 -44.41 1.84 -18.70
N SER B 251 -44.58 0.52 -18.85
CA SER B 251 -44.66 -0.34 -17.69
C SER B 251 -43.40 -0.25 -16.82
N THR B 252 -42.27 0.15 -17.41
CA THR B 252 -41.07 0.50 -16.64
C THR B 252 -41.35 1.58 -15.61
N TYR B 253 -42.41 2.38 -15.80
CA TYR B 253 -42.77 3.45 -14.89
C TYR B 253 -44.16 3.23 -14.29
N GLY B 254 -44.57 1.98 -14.14
CA GLY B 254 -45.85 1.66 -13.55
C GLY B 254 -47.03 1.65 -14.50
N VAL B 255 -46.91 2.31 -15.67
CA VAL B 255 -48.03 2.52 -16.55
C VAL B 255 -48.12 1.31 -17.50
N PRO B 256 -49.16 0.48 -17.37
CA PRO B 256 -49.37 -0.59 -18.34
C PRO B 256 -49.31 -0.08 -19.77
N VAL B 257 -48.54 -0.78 -20.60
CA VAL B 257 -48.43 -0.39 -22.00
C VAL B 257 -49.81 -0.29 -22.63
N ASN B 258 -50.66 -1.26 -22.38
CA ASN B 258 -51.93 -1.29 -23.09
C ASN B 258 -53.02 -0.49 -22.38
N SER B 259 -52.66 0.32 -21.39
CA SER B 259 -53.59 1.30 -20.84
C SER B 259 -53.45 2.62 -21.57
N PRO B 260 -54.37 3.57 -21.33
CA PRO B 260 -54.47 4.76 -22.19
C PRO B 260 -53.27 5.67 -22.18
N ASN B 261 -52.51 5.76 -21.09
CA ASN B 261 -51.29 6.55 -21.09
C ASN B 261 -50.05 5.69 -21.29
N GLY B 262 -50.24 4.40 -21.58
CA GLY B 262 -49.13 3.53 -21.84
C GLY B 262 -48.61 3.69 -23.25
N TYR B 263 -47.44 3.11 -23.46
CA TYR B 263 -46.75 3.22 -24.73
C TYR B 263 -45.62 2.21 -24.67
N ARG B 264 -45.16 1.82 -25.84
CA ARG B 264 -43.92 1.06 -25.97
C ARG B 264 -43.39 1.44 -27.34
N THR B 265 -42.31 2.23 -27.38
CA THR B 265 -41.87 2.77 -28.66
C THR B 265 -40.36 2.96 -28.68
N ASP B 266 -39.78 2.69 -29.84
CA ASP B 266 -38.35 2.82 -30.10
C ASP B 266 -38.06 4.28 -30.42
N VAL B 267 -37.15 4.92 -29.68
CA VAL B 267 -36.85 6.31 -29.98
C VAL B 267 -35.35 6.51 -30.06
N ASP B 268 -34.96 7.53 -30.81
CA ASP B 268 -33.57 7.84 -31.07
C ASP B 268 -33.10 9.01 -30.23
N TRP B 269 -31.80 9.03 -30.00
CA TRP B 269 -31.12 10.18 -29.44
C TRP B 269 -31.82 10.64 -28.16
N ALA B 270 -31.86 9.76 -27.16
CA ALA B 270 -32.58 10.04 -25.92
C ALA B 270 -31.64 10.30 -24.75
N THR B 271 -31.87 11.43 -24.10
CA THR B 271 -31.15 11.85 -22.91
C THR B 271 -32.14 11.87 -21.76
N GLN B 272 -31.87 11.08 -20.73
CA GLN B 272 -32.79 10.96 -19.60
C GLN B 272 -32.57 12.10 -18.62
N ILE B 273 -33.68 12.69 -18.12
CA ILE B 273 -33.57 13.78 -17.16
C ILE B 273 -34.48 13.59 -15.94
N SER B 274 -35.30 12.56 -15.89
CA SER B 274 -35.90 12.16 -14.62
C SER B 274 -36.04 10.65 -14.57
N TYR B 275 -35.99 10.10 -13.35
CA TYR B 275 -36.28 8.68 -13.16
C TYR B 275 -37.72 8.37 -13.52
N SER B 276 -38.61 9.35 -13.34
CA SER B 276 -40.02 9.13 -13.67
C SER B 276 -40.23 8.95 -15.17
N GLY B 277 -39.18 9.13 -15.98
CA GLY B 277 -39.20 8.79 -17.38
C GLY B 277 -39.19 9.95 -18.35
N VAL B 278 -38.88 11.16 -17.89
CA VAL B 278 -38.77 12.28 -18.81
C VAL B 278 -37.43 12.19 -19.52
N PHE B 279 -37.48 12.28 -20.85
CA PHE B 279 -36.31 12.30 -21.70
C PHE B 279 -36.42 13.50 -22.62
N VAL B 280 -35.28 14.00 -23.06
CA VAL B 280 -35.17 14.76 -24.31
C VAL B 280 -34.91 13.73 -25.41
N HIS B 281 -35.71 13.76 -26.49
CA HIS B 281 -35.45 12.75 -27.51
C HIS B 281 -36.00 13.18 -28.87
N SER B 282 -35.58 12.43 -29.89
CA SER B 282 -36.00 12.68 -31.26
C SER B 282 -37.45 12.29 -31.45
N ALA B 283 -38.21 13.16 -32.10
CA ALA B 283 -39.64 12.94 -32.32
C ALA B 283 -39.95 13.41 -33.73
N PRO B 284 -39.59 12.62 -34.73
CA PRO B 284 -39.93 13.03 -36.10
C PRO B 284 -41.44 13.16 -36.32
N TRP B 285 -42.26 12.38 -35.60
CA TRP B 285 -43.71 12.44 -35.76
C TRP B 285 -44.30 13.78 -35.35
N SER B 286 -43.62 14.54 -34.49
CA SER B 286 -44.25 15.76 -33.99
C SER B 286 -43.48 17.02 -34.37
N VAL B 287 -42.66 16.98 -35.44
CA VAL B 287 -41.86 18.17 -35.75
C VAL B 287 -42.79 19.32 -36.08
N GLY B 288 -43.96 19.01 -36.64
CA GLY B 288 -44.93 20.05 -36.91
C GLY B 288 -45.37 20.77 -35.65
N ALA B 289 -45.52 20.03 -34.55
CA ALA B 289 -45.97 20.64 -33.30
C ALA B 289 -44.84 21.26 -32.49
N GLN B 290 -43.61 20.83 -32.70
CA GLN B 290 -42.51 21.35 -31.91
C GLN B 290 -42.34 22.85 -32.16
N GLY B 291 -42.24 23.61 -31.08
CA GLY B 291 -42.30 25.06 -31.15
C GLY B 291 -43.71 25.63 -31.20
N HIS B 292 -44.76 24.81 -31.09
CA HIS B 292 -46.13 25.35 -31.20
C HIS B 292 -47.11 24.79 -30.17
N THR B 293 -47.28 23.47 -30.12
CA THR B 293 -48.23 22.86 -29.20
C THR B 293 -47.59 21.64 -28.51
N ASN B 294 -48.15 21.28 -27.36
CA ASN B 294 -47.63 20.19 -26.54
C ASN B 294 -48.36 18.90 -26.91
N THR B 295 -47.62 17.86 -27.25
CA THR B 295 -48.25 16.62 -27.67
C THR B 295 -47.66 15.37 -27.03
N SER B 296 -46.66 15.49 -26.16
CA SER B 296 -45.98 14.29 -25.69
C SER B 296 -46.63 13.75 -24.44
N HIS B 297 -46.09 12.62 -23.95
CA HIS B 297 -46.40 12.01 -22.65
C HIS B 297 -45.62 12.63 -21.50
N GLY B 298 -44.77 13.60 -21.77
CA GLY B 298 -44.10 14.36 -20.73
C GLY B 298 -42.69 14.63 -21.20
N CYS B 299 -42.25 13.88 -22.20
CA CYS B 299 -40.94 14.08 -22.75
C CYS B 299 -40.82 15.45 -23.43
N LEU B 300 -39.58 15.92 -23.53
CA LEU B 300 -39.24 17.06 -24.37
C LEU B 300 -38.90 16.51 -25.76
N ASN B 301 -39.88 16.53 -26.66
CA ASN B 301 -39.65 16.09 -28.03
C ASN B 301 -39.01 17.23 -28.81
N VAL B 302 -37.94 16.91 -29.56
CA VAL B 302 -37.25 17.86 -30.42
C VAL B 302 -36.98 17.17 -31.75
N SER B 303 -36.44 17.92 -32.70
CA SER B 303 -36.17 17.33 -33.99
C SER B 303 -35.08 16.25 -33.85
N PRO B 304 -35.03 15.32 -34.80
CA PRO B 304 -33.89 14.37 -34.84
C PRO B 304 -32.52 15.02 -34.70
N SER B 305 -32.23 16.09 -35.45
CA SER B 305 -30.88 16.63 -35.36
C SER B 305 -30.67 17.40 -34.06
N ASN B 306 -31.71 18.03 -33.51
CA ASN B 306 -31.56 18.67 -32.20
C ASN B 306 -31.42 17.65 -31.06
N ALA B 307 -32.09 16.52 -31.16
CA ALA B 307 -31.91 15.48 -30.16
C ALA B 307 -30.50 14.89 -30.21
N GLN B 308 -29.97 14.68 -31.42
CA GLN B 308 -28.60 14.18 -31.53
C GLN B 308 -27.60 15.22 -31.07
N TRP B 309 -27.84 16.49 -31.42
CA TRP B 309 -27.01 17.57 -30.87
C TRP B 309 -26.98 17.51 -29.33
N PHE B 310 -28.16 17.36 -28.73
CA PHE B 310 -28.23 17.28 -27.26
C PHE B 310 -27.44 16.09 -26.72
N TYR B 311 -27.58 14.93 -27.35
CA TYR B 311 -26.80 13.75 -27.01
C TYR B 311 -25.30 14.03 -27.07
N ASP B 312 -24.85 14.69 -28.14
CA ASP B 312 -23.44 14.98 -28.33
C ASP B 312 -22.92 16.04 -27.36
N HIS B 313 -23.74 17.01 -26.98
CA HIS B 313 -23.22 18.21 -26.33
C HIS B 313 -23.63 18.38 -24.89
N VAL B 314 -24.62 17.67 -24.43
CA VAL B 314 -25.04 17.70 -23.03
C VAL B 314 -24.53 16.44 -22.34
N LYS B 315 -24.10 16.58 -21.08
CA LYS B 315 -23.43 15.49 -20.40
C LYS B 315 -24.13 15.23 -19.08
N ARG B 316 -23.87 14.06 -18.53
CA ARG B 316 -24.37 13.71 -17.21
C ARG B 316 -24.11 14.84 -16.23
N GLY B 317 -25.15 15.24 -15.51
CA GLY B 317 -25.01 16.26 -14.48
C GLY B 317 -25.23 17.69 -14.97
N ASP B 318 -25.36 17.88 -16.29
CA ASP B 318 -25.87 19.16 -16.76
C ASP B 318 -27.33 19.32 -16.32
N ILE B 319 -27.89 20.50 -16.55
CA ILE B 319 -29.16 20.89 -15.96
C ILE B 319 -30.17 21.19 -17.06
N VAL B 320 -31.37 20.65 -16.92
CA VAL B 320 -32.54 21.12 -17.65
C VAL B 320 -33.52 21.72 -16.66
N GLU B 321 -34.02 22.90 -17.00
CA GLU B 321 -35.02 23.58 -16.19
C GLU B 321 -36.26 23.82 -17.04
N VAL B 322 -37.41 23.35 -16.54
CA VAL B 322 -38.69 23.53 -17.21
C VAL B 322 -39.49 24.56 -16.42
N VAL B 323 -40.14 25.49 -17.12
CA VAL B 323 -40.85 26.56 -16.47
C VAL B 323 -42.14 26.83 -17.23
N ASN B 324 -43.18 27.19 -16.49
CA ASN B 324 -44.43 27.71 -17.03
C ASN B 324 -45.33 26.64 -17.64
N THR B 325 -45.13 25.37 -17.35
CA THR B 325 -46.08 24.38 -17.83
C THR B 325 -47.27 24.32 -16.89
N VAL B 326 -48.29 23.56 -17.31
CA VAL B 326 -49.44 23.33 -16.44
C VAL B 326 -49.21 22.18 -15.47
N GLY B 327 -48.05 21.54 -15.50
CA GLY B 327 -47.74 20.50 -14.54
C GLY B 327 -47.41 21.08 -13.18
N GLY B 328 -47.05 20.19 -12.26
CA GLY B 328 -46.62 20.65 -10.95
C GLY B 328 -45.12 20.82 -10.96
N THR B 329 -44.47 20.44 -9.86
CA THR B 329 -43.02 20.50 -9.77
C THR B 329 -42.47 19.08 -9.69
N LEU B 330 -41.34 18.87 -10.33
CA LEU B 330 -40.69 17.57 -10.26
C LEU B 330 -40.41 17.20 -8.82
N PRO B 331 -40.79 15.99 -8.37
CA PRO B 331 -40.50 15.63 -6.97
C PRO B 331 -39.01 15.71 -6.66
N GLY B 332 -38.69 16.25 -5.49
CA GLY B 332 -37.30 16.30 -5.03
C GLY B 332 -36.63 14.95 -4.92
N ILE B 333 -37.38 13.90 -4.60
CA ILE B 333 -36.81 12.56 -4.48
C ILE B 333 -37.00 11.74 -5.76
N ASP B 334 -37.23 12.39 -6.90
CA ASP B 334 -37.37 11.65 -8.15
C ASP B 334 -36.21 10.69 -8.34
N GLY B 335 -35.00 11.12 -8.01
CA GLY B 335 -33.77 10.47 -8.44
C GLY B 335 -32.89 11.40 -9.25
N LEU B 336 -33.52 12.35 -9.97
CA LEU B 336 -32.83 13.43 -10.67
C LEU B 336 -33.45 14.78 -10.32
N GLY B 337 -34.23 14.83 -9.25
CA GLY B 337 -34.90 16.04 -8.86
C GLY B 337 -34.33 16.73 -7.64
N ASP B 338 -33.09 16.37 -7.29
CA ASP B 338 -32.51 16.80 -6.01
C ASP B 338 -32.56 18.30 -5.81
N TRP B 339 -32.31 19.07 -6.89
CA TRP B 339 -32.21 20.52 -6.72
C TRP B 339 -33.55 21.18 -6.44
N ASN B 340 -34.65 20.45 -6.56
CA ASN B 340 -35.94 21.07 -6.23
C ASN B 340 -36.21 21.11 -4.73
N ILE B 341 -35.40 20.44 -3.90
CA ILE B 341 -35.61 20.47 -2.44
C ILE B 341 -35.00 21.76 -1.89
N PRO B 342 -35.75 22.56 -1.15
CA PRO B 342 -35.17 23.79 -0.56
C PRO B 342 -33.91 23.46 0.23
N TRP B 343 -32.92 24.35 0.13
CA TRP B 343 -31.62 24.08 0.75
C TRP B 343 -31.75 23.88 2.26
N ASP B 344 -32.58 24.70 2.92
CA ASP B 344 -32.75 24.54 4.35
C ASP B 344 -33.23 23.14 4.69
N GLN B 345 -34.16 22.60 3.90
CA GLN B 345 -34.61 21.23 4.11
C GLN B 345 -33.50 20.22 3.77
N TRP B 346 -32.86 20.35 2.60
CA TRP B 346 -31.78 19.44 2.22
C TRP B 346 -30.69 19.41 3.29
N ARG B 347 -30.27 20.60 3.71
CA ARG B 347 -29.17 20.70 4.66
C ARG B 347 -29.55 20.09 6.01
N ALA B 348 -30.80 20.27 6.46
CA ALA B 348 -31.16 19.62 7.72
C ALA B 348 -31.15 18.11 7.59
N GLY B 349 -31.32 17.59 6.39
CA GLY B 349 -31.22 16.16 6.15
C GLY B 349 -32.40 15.39 6.71
N ASN B 350 -32.28 14.06 6.59
CA ASN B 350 -33.30 13.14 7.09
C ASN B 350 -32.62 11.85 7.54
N ALA B 351 -31.47 11.98 8.20
CA ALA B 351 -30.83 10.83 8.82
C ALA B 351 -31.69 10.26 9.94
N LYS B 352 -32.47 11.11 10.62
CA LYS B 352 -33.38 10.73 11.71
C LYS B 352 -32.64 10.40 12.99
O E0Y C . 38.78 -32.93 16.43
C11 E0Y C . 39.52 -35.77 14.85
OXT E0Y C . 40.49 -32.30 15.23
CA E0Y C . 38.35 -32.06 14.24
N E0Y C . 37.46 -31.00 14.18
CD E0Y C . 37.21 -30.74 12.82
C6 E0Y C . 37.68 -29.49 12.51
C7 E0Y C . 37.95 -28.62 13.71
O14 E0Y C . 39.05 -28.82 14.24
CB E0Y C . 38.26 -32.63 13.04
CG E0Y C . 37.93 -31.64 12.00
C10 E0Y C . 39.89 -35.08 13.40
C13 E0Y C . 39.44 -37.39 13.32
C14 E0Y C . 40.22 -36.28 12.71
C15 E0Y C . 38.70 -38.10 15.39
C16 E0Y C . 39.64 -38.60 16.46
C E0Y C . 39.26 -32.45 15.38
C8 E0Y C . 37.46 -28.76 11.18
C9 E0Y C . 36.03 -28.71 10.67
N12 E0Y C . 39.21 -37.11 14.47
N15 E0Y C . 37.50 -38.56 15.27
O8 E0Y C . 37.97 -27.46 11.34
S2 E0Y C . 38.42 -34.47 12.64
C1 PEG D . -6.96 24.39 -7.70
O1 PEG D . -5.89 24.78 -8.59
C2 PEG D . -8.15 25.34 -7.84
O2 PEG D . -9.41 24.65 -7.97
C3 PEG D . -9.87 24.62 -9.34
C4 PEG D . -10.54 25.93 -9.77
O4 PEG D . -10.01 26.36 -11.05
H11 PEG D . -7.28 23.38 -7.95
H12 PEG D . -6.60 24.40 -6.67
HO1 PEG D . -5.15 24.17 -8.49
H21 PEG D . -8.20 25.98 -6.95
H22 PEG D . -8.01 25.98 -8.70
H31 PEG D . -9.03 24.41 -9.99
H32 PEG D . -10.59 23.80 -9.45
H41 PEG D . -10.36 26.70 -9.02
H42 PEG D . -11.61 25.78 -9.85
HO4 PEG D . -10.44 27.19 -11.31
C1 GOL E . 8.40 3.03 -6.58
O1 GOL E . 8.20 2.41 -5.34
C2 GOL E . 8.64 1.88 -7.52
O2 GOL E . 7.95 0.73 -7.07
C3 GOL E . 8.16 2.40 -8.94
O3 GOL E . 8.57 1.45 -9.91
H11 GOL E . 7.65 3.56 -6.88
H12 GOL E . 9.17 3.63 -6.57
HO1 GOL E . 8.13 3.03 -4.77
H2 GOL E . 9.58 1.62 -7.55
HO2 GOL E . 7.12 0.94 -7.00
H31 GOL E . 7.21 2.55 -8.91
H32 GOL E . 8.56 3.27 -9.10
HO3 GOL E . 8.30 0.69 -9.63
C1 GOL F . -9.00 9.65 -11.52
O1 GOL F . -9.43 9.01 -10.32
C2 GOL F . -8.25 8.58 -12.41
O2 GOL F . -8.17 9.00 -13.76
C3 GOL F . -6.84 8.35 -11.74
O3 GOL F . -6.60 6.96 -11.59
H11 GOL F . -9.73 10.04 -12.02
H12 GOL F . -8.40 10.39 -11.32
HO1 GOL F . -9.89 9.59 -9.89
H2 GOL F . -8.76 7.75 -12.44
HO2 GOL F . -7.92 9.82 -13.75
H31 GOL F . -6.16 8.80 -12.28
H32 GOL F . -6.82 8.81 -10.89
HO3 GOL F . -5.90 6.87 -11.12
C1 GOL G . 35.80 -5.28 19.25
O1 GOL G . 36.62 -4.65 18.31
C2 GOL G . 35.16 -4.14 20.05
O2 GOL G . 34.98 -3.00 19.28
C3 GOL G . 33.86 -4.73 20.59
O3 GOL G . 33.11 -3.68 21.00
H11 GOL G . 35.10 -5.82 18.84
H12 GOL G . 36.29 -5.87 19.83
HO1 GOL G . 37.24 -5.21 18.12
H2 GOL G . 35.74 -3.88 20.78
HO2 GOL G . 34.59 -3.23 18.56
H31 GOL G . 33.44 -5.26 19.89
H32 GOL G . 34.05 -5.35 21.31
HO3 GOL G . 32.46 -4.00 21.45
C1 GOL H . 20.52 -16.52 26.21
O1 GOL H . 21.15 -15.34 26.61
C2 GOL H . 21.35 -17.74 26.78
O2 GOL H . 22.67 -17.56 26.59
C3 GOL H . 21.05 -17.83 28.30
O3 GOL H . 22.22 -18.43 28.91
H11 GOL H . 19.60 -16.58 26.52
H12 GOL H . 20.48 -16.59 25.25
HO1 GOL H . 20.68 -14.70 26.30
H2 GOL H . 21.11 -18.56 26.33
HO2 GOL H . 22.93 -16.95 27.12
H31 GOL H . 20.85 -16.95 28.64
H32 GOL H . 20.26 -18.36 28.45
HO3 GOL H . 21.93 -19.12 29.33
C1 GOL I . 37.18 -18.61 4.40
O1 GOL I . 36.58 -17.68 3.53
C2 GOL I . 37.70 -19.89 3.59
O2 GOL I . 38.72 -20.53 4.30
C3 GOL I . 36.42 -20.82 3.33
O3 GOL I . 36.85 -21.95 2.58
H11 GOL I . 37.92 -18.23 4.88
H12 GOL I . 36.55 -18.90 5.08
HO1 GOL I . 35.94 -18.08 3.15
H2 GOL I . 38.10 -19.61 2.75
HO2 GOL I . 38.55 -20.46 5.13
H31 GOL I . 36.03 -21.05 4.19
H32 GOL I . 35.75 -20.32 2.88
HO3 GOL I . 37.67 -22.09 2.78
S SO4 J . -7.47 9.60 -20.57
O1 SO4 J . -8.65 9.18 -19.81
O2 SO4 J . -6.51 10.22 -19.67
O3 SO4 J . -7.88 10.55 -21.60
O4 SO4 J . -6.86 8.44 -21.21
S SO4 K . 5.95 16.49 -9.79
O1 SO4 K . 5.99 15.91 -8.43
O2 SO4 K . 7.26 16.27 -10.43
O3 SO4 K . 5.71 17.93 -9.74
O4 SO4 K . 4.85 15.87 -10.54
S SO4 L . 40.61 -35.73 -1.34
O1 SO4 L . 39.75 -36.84 -1.74
O2 SO4 L . 41.55 -36.14 -0.27
O3 SO4 L . 41.43 -35.30 -2.48
O4 SO4 L . 39.78 -34.60 -0.93
S SO4 M . 19.90 -19.72 13.43
O1 SO4 M . 19.62 -21.03 14.02
O2 SO4 M . 20.27 -18.81 14.52
O3 SO4 M . 20.97 -19.84 12.44
O4 SO4 M . 18.75 -19.19 12.71
O E0Y N . -44.71 11.21 -26.26
C11 E0Y N . -45.63 8.82 -29.14
OXT E0Y N . -43.34 10.82 -27.91
CA E0Y N . -42.98 9.66 -25.90
N E0Y N . -41.86 9.84 -25.15
CD E0Y N . -41.87 8.83 -24.19
C6 E0Y N . -42.27 9.38 -23.00
C7 E0Y N . -42.02 10.87 -22.97
O14 E0Y N . -42.97 11.59 -23.29
CB E0Y N . -43.32 8.41 -25.77
CG E0Y N . -42.82 7.83 -24.51
C10 E0Y N . -45.65 8.46 -27.53
C13 E0Y N . -46.79 6.94 -28.97
C14 E0Y N . -46.76 7.55 -27.62
C15 E0Y N . -45.49 6.96 -30.90
C16 E0Y N . -44.79 7.82 -31.92
C E0Y N . -43.72 10.65 -26.75
C8 E0Y N . -41.84 8.64 -21.72
C9 E0Y N . -40.69 7.68 -21.96
N12 E0Y N . -46.00 7.54 -29.67
N15 E0Y N . -45.63 5.69 -31.10
O8 E0Y N . -41.53 9.60 -20.75
S2 E0Y N . -44.17 7.51 -27.01
C1 PEG O . -48.97 -3.83 -20.41
O1 PEG O . -50.36 -3.92 -20.66
C2 PEG O . -48.78 -3.86 -18.90
O2 PEG O . -47.43 -3.93 -18.44
C3 PEG O . -47.47 -4.30 -17.05
C4 PEG O . -46.33 -3.71 -16.22
O4 PEG O . -46.52 -3.95 -14.82
H11 PEG O . -48.56 -2.91 -20.82
H12 PEG O . -48.44 -4.68 -20.86
HO1 PEG O . -50.51 -3.90 -21.63
H21 PEG O . -49.24 -2.97 -18.48
H22 PEG O . -49.32 -4.71 -18.50
H31 PEG O . -48.42 -3.98 -16.63
H32 PEG O . -47.44 -5.39 -16.98
H41 PEG O . -45.39 -4.14 -16.54
H42 PEG O . -46.28 -2.63 -16.40
HO4 PEG O . -45.78 -3.56 -14.32
C1 PEG P . -35.78 25.37 -4.64
O1 PEG P . -34.49 25.74 -4.13
C2 PEG P . -36.23 26.30 -5.78
O2 PEG P . -35.71 25.93 -7.06
C3 PEG P . -36.55 26.36 -8.16
C4 PEG P . -35.79 27.14 -9.24
O4 PEG P . -36.36 26.97 -10.55
H11 PEG P . -35.74 24.34 -5.01
H12 PEG P . -36.51 25.41 -3.83
HO1 PEG P . -34.24 25.14 -3.42
H21 PEG P . -37.32 26.29 -5.82
H22 PEG P . -35.91 27.32 -5.55
H31 PEG P . -37.35 26.99 -7.76
H32 PEG P . -37.01 25.48 -8.62
H41 PEG P . -35.80 28.21 -8.99
H42 PEG P . -34.74 26.81 -9.25
HO4 PEG P . -35.85 27.48 -11.20
C1 GOL Q . -39.31 18.91 -2.14
O1 GOL Q . -39.51 19.87 -3.15
C2 GOL Q . -40.15 17.66 -2.59
O2 GOL Q . -40.59 17.78 -3.96
C3 GOL Q . -39.20 16.36 -2.23
O3 GOL Q . -39.85 15.18 -2.74
H11 GOL Q . -38.38 18.66 -2.03
H12 GOL Q . -39.61 19.22 -1.27
HO1 GOL Q . -39.17 20.59 -2.85
H2 GOL Q . -40.97 17.61 -2.07
HO2 GOL Q . -39.90 17.88 -4.44
H31 GOL Q . -38.32 16.50 -2.60
H32 GOL Q . -39.07 16.31 -1.28
HO3 GOL Q . -39.30 14.54 -2.66
C1 GOL R . -18.32 14.98 3.90
O1 GOL R . -17.31 14.14 4.39
C2 GOL R . -18.95 15.74 5.10
O2 GOL R . -18.08 15.83 6.14
C3 GOL R . -19.34 17.14 4.58
O3 GOL R . -20.72 17.27 4.76
H11 GOL R . -18.00 15.62 3.26
H12 GOL R . -19.01 14.48 3.44
HO1 GOL R . -17.25 13.49 3.84
H2 GOL R . -19.73 15.27 5.44
HO2 GOL R . -17.39 16.25 5.87
H31 GOL R . -18.83 17.81 5.04
H32 GOL R . -19.09 17.22 3.65
HO3 GOL R . -20.91 16.84 5.47
S SO4 S . -22.54 8.63 -18.91
O1 SO4 S . -23.49 7.85 -18.12
O2 SO4 S . -21.38 7.81 -19.27
O3 SO4 S . -22.09 9.76 -18.12
O4 SO4 S . -23.20 9.10 -20.14
#